data_4P5B
#
_entry.id   4P5B
#
_cell.length_a   170.788
_cell.length_b   59.502
_cell.length_c   118.981
_cell.angle_alpha   90.00
_cell.angle_beta   120.31
_cell.angle_gamma   90.00
#
_symmetry.space_group_name_H-M   'C 1 2 1'
#
loop_
_entity.id
_entity.type
_entity.pdbx_description
1 polymer 'Thymidylate synthase ThyX'
2 non-polymer 'FLAVIN-ADENINE DINUCLEOTIDE'
3 non-polymer "5-BROMO-2'-DEOXYURIDINE-5'-MONOPHOSPHATE"
4 non-polymer 'SULFATE ION'
5 water water
#
_entity_poly.entity_id   1
_entity_poly.type   'polypeptide(L)'
_entity_poly.pdbx_seq_one_letter_code
;MESPRIELRSDITVELVDSSASDLAVVKAARVSTAGEDANDELYDGGSTRGLIRYLMRSRHGSPFEHNSMTFLVRAPIFT
VRHLMRHRTWSFNEESARYREVGAAFYVPDATRLLRQEGKPGDYRYVGGSTDDHQQVVRSATRAYEVAFEEYQRLLDSGI
AREIARLVLPVSTYSVLYATCNARALMHFLSLRTHRPDAAYVSHPQREIEMVAEQMETAWAKLMPVTHEAFTAFGRVSP
;
_entity_poly.pdbx_strand_id   A,B,C,D
#
loop_
_chem_comp.id
_chem_comp.type
_chem_comp.name
_chem_comp.formula
BRU DNA linking 5-BROMO-2'-DEOXYURIDINE-5'-MONOPHOSPHATE 'C9 H12 Br N2 O8 P'
FAD non-polymer 'FLAVIN-ADENINE DINUCLEOTIDE' 'C27 H33 N9 O15 P2'
SO4 non-polymer 'SULFATE ION' 'O4 S -2'
#
# COMPACT_ATOMS: atom_id res chain seq x y z
N ILE A 6 -8.73 -31.99 -24.06
CA ILE A 6 -8.55 -30.58 -23.69
C ILE A 6 -9.40 -29.67 -24.56
N GLU A 7 -9.69 -28.48 -24.05
CA GLU A 7 -10.40 -27.44 -24.74
C GLU A 7 -9.42 -26.28 -25.03
N LEU A 8 -9.49 -25.69 -26.20
CA LEU A 8 -8.73 -24.51 -26.53
C LEU A 8 -9.74 -23.42 -26.63
N ARG A 9 -9.37 -22.25 -26.13
CA ARG A 9 -10.32 -21.14 -26.07
C ARG A 9 -9.51 -19.88 -26.26
N SER A 10 -10.22 -18.83 -26.62
CA SER A 10 -9.57 -17.56 -26.82
C SER A 10 -10.42 -16.45 -26.22
N ASP A 11 -11.40 -16.82 -25.40
CA ASP A 11 -12.11 -15.75 -24.69
C ASP A 11 -11.35 -15.27 -23.44
N ILE A 12 -11.40 -14.01 -23.14
CA ILE A 12 -10.86 -13.50 -21.91
C ILE A 12 -11.95 -12.59 -21.43
N THR A 13 -12.59 -12.94 -20.32
CA THR A 13 -13.81 -12.26 -19.96
C THR A 13 -13.70 -11.58 -18.63
N VAL A 14 -14.40 -10.47 -18.53
CA VAL A 14 -14.50 -9.70 -17.30
C VAL A 14 -15.98 -9.43 -17.11
N GLU A 15 -16.49 -9.71 -15.92
CA GLU A 15 -17.84 -9.34 -15.55
C GLU A 15 -17.82 -8.56 -14.26
N LEU A 16 -18.56 -7.44 -14.25
CA LEU A 16 -18.78 -6.72 -13.04
C LEU A 16 -19.76 -7.49 -12.16
N VAL A 17 -19.39 -7.68 -10.92
CA VAL A 17 -20.15 -8.57 -10.08
C VAL A 17 -20.67 -7.81 -8.85
N ASP A 18 -20.01 -6.69 -8.51
CA ASP A 18 -20.52 -5.86 -7.42
C ASP A 18 -19.88 -4.51 -7.60
N SER A 19 -20.54 -3.44 -7.18
CA SER A 19 -19.89 -2.15 -7.13
C SER A 19 -20.66 -1.27 -6.19
N SER A 20 -19.91 -0.27 -5.73
CA SER A 20 -20.44 0.92 -5.12
C SER A 20 -19.64 2.09 -5.62
N ALA A 21 -20.09 2.68 -6.71
CA ALA A 21 -19.26 3.60 -7.46
C ALA A 21 -20.17 4.48 -8.28
N SER A 22 -20.00 5.79 -8.15
CA SER A 22 -20.66 6.78 -8.98
C SER A 22 -19.88 8.08 -9.01
N ASP A 23 -20.20 8.92 -9.99
CA ASP A 23 -19.60 10.23 -10.06
C ASP A 23 -19.94 11.07 -8.82
N LEU A 24 -21.16 10.91 -8.30
CA LEU A 24 -21.62 11.76 -7.17
C LEU A 24 -20.82 11.46 -5.93
N ALA A 25 -20.47 10.19 -5.73
CA ALA A 25 -19.58 9.83 -4.63
C ALA A 25 -18.23 10.58 -4.66
N VAL A 26 -17.74 10.90 -5.87
CA VAL A 26 -16.53 11.70 -6.04
C VAL A 26 -16.74 13.14 -5.60
N VAL A 27 -17.81 13.76 -6.11
CA VAL A 27 -18.15 15.16 -5.84
C VAL A 27 -18.31 15.45 -4.32
N LYS A 28 -19.08 14.63 -3.64
CA LYS A 28 -19.21 14.72 -2.21
C LYS A 28 -17.82 14.68 -1.56
N ALA A 29 -17.02 13.66 -1.91
CA ALA A 29 -15.73 13.49 -1.24
C ALA A 29 -14.86 14.72 -1.46
N ALA A 30 -14.85 15.23 -2.68
CA ALA A 30 -14.04 16.40 -2.98
C ALA A 30 -14.52 17.65 -2.21
N ARG A 31 -15.83 17.73 -1.96
CA ARG A 31 -16.48 18.95 -1.43
C ARG A 31 -16.40 19.15 0.08
N VAL A 32 -16.23 18.11 0.91
CA VAL A 32 -15.80 18.39 2.30
C VAL A 32 -14.63 19.43 2.43
N SER A 33 -13.69 19.43 1.45
CA SER A 33 -12.47 20.30 1.47
C SER A 33 -12.79 21.79 1.44
N THR A 34 -13.53 22.18 0.41
CA THR A 34 -14.00 23.57 0.19
C THR A 34 -15.24 23.94 1.00
N ALA A 35 -16.04 22.94 1.38
CA ALA A 35 -17.38 23.21 1.94
C ALA A 35 -17.64 22.61 3.32
N GLY A 36 -16.87 21.59 3.72
CA GLY A 36 -17.06 20.93 5.03
C GLY A 36 -18.28 20.02 5.07
N GLU A 37 -19.01 20.09 6.20
CA GLU A 37 -20.28 19.37 6.38
C GLU A 37 -21.26 19.53 5.21
N ASP A 38 -21.35 20.76 4.68
CA ASP A 38 -22.23 21.11 3.56
C ASP A 38 -22.21 20.06 2.43
N ALA A 39 -21.06 19.41 2.29
CA ALA A 39 -20.82 18.46 1.19
C ALA A 39 -21.68 17.18 1.19
N ASN A 40 -21.89 16.55 2.35
CA ASN A 40 -22.79 15.40 2.43
C ASN A 40 -24.22 15.72 2.00
N ASP A 45 -25.43 20.08 -9.42
CA ASP A 45 -26.18 19.73 -10.63
C ASP A 45 -25.40 18.76 -11.54
N GLY A 46 -25.56 18.87 -12.85
CA GLY A 46 -24.79 18.08 -13.78
C GLY A 46 -23.56 18.85 -14.16
N GLY A 47 -23.65 20.17 -14.19
CA GLY A 47 -22.53 21.00 -14.65
C GLY A 47 -21.52 21.36 -13.58
N SER A 48 -21.92 21.32 -12.32
CA SER A 48 -20.97 21.46 -11.25
C SER A 48 -20.23 20.13 -11.01
N THR A 49 -20.94 19.02 -11.13
CA THR A 49 -20.31 17.68 -11.14
C THR A 49 -19.30 17.51 -12.28
N ARG A 50 -19.75 17.75 -13.51
CA ARG A 50 -18.83 17.71 -14.61
C ARG A 50 -17.64 18.63 -14.39
N GLY A 51 -17.91 19.87 -13.97
CA GLY A 51 -16.87 20.84 -13.66
C GLY A 51 -15.89 20.43 -12.58
N LEU A 52 -16.40 20.06 -11.41
CA LEU A 52 -15.54 19.63 -10.30
C LEU A 52 -14.64 18.44 -10.68
N ILE A 53 -15.23 17.47 -11.38
CA ILE A 53 -14.51 16.27 -11.77
C ILE A 53 -13.44 16.58 -12.82
N ARG A 54 -13.71 17.55 -13.69
CA ARG A 54 -12.69 17.88 -14.71
C ARG A 54 -11.45 18.49 -14.05
N TYR A 55 -11.70 19.24 -12.99
CA TYR A 55 -10.70 20.00 -12.26
C TYR A 55 -9.82 19.09 -11.42
N LEU A 56 -10.46 18.20 -10.68
CA LEU A 56 -9.75 17.15 -9.96
C LEU A 56 -8.88 16.29 -10.93
N MET A 57 -9.43 15.93 -12.08
CA MET A 57 -8.66 15.22 -13.05
C MET A 57 -7.45 16.03 -13.50
N ARG A 58 -7.61 17.32 -13.79
CA ARG A 58 -6.48 18.05 -14.38
C ARG A 58 -5.49 18.46 -13.32
N SER A 59 -5.95 18.57 -12.07
CA SER A 59 -5.05 18.93 -11.01
C SER A 59 -4.46 17.67 -10.38
N ARG A 60 -4.84 16.53 -10.90
CA ARG A 60 -4.42 15.27 -10.35
C ARG A 60 -4.70 15.09 -8.86
N HIS A 61 -5.87 15.53 -8.41
N HIS A 61 -5.86 15.57 -8.41
CA HIS A 61 -6.30 15.29 -7.01
CA HIS A 61 -6.30 15.30 -7.04
C HIS A 61 -7.07 13.96 -7.06
C HIS A 61 -7.05 13.96 -7.12
N GLY A 62 -6.34 12.87 -6.86
CA GLY A 62 -6.90 11.57 -7.04
C GLY A 62 -7.58 10.99 -5.82
N SER A 63 -7.31 11.53 -4.64
CA SER A 63 -7.95 11.00 -3.45
C SER A 63 -9.51 10.89 -3.44
N PRO A 64 -10.27 11.85 -4.00
CA PRO A 64 -11.73 11.72 -4.13
C PRO A 64 -12.17 10.57 -5.00
N PHE A 65 -11.32 10.16 -5.91
CA PHE A 65 -11.74 9.04 -6.73
C PHE A 65 -11.60 7.67 -6.07
N GLU A 66 -11.13 7.61 -4.83
CA GLU A 66 -10.91 6.35 -4.13
C GLU A 66 -12.09 5.86 -3.27
N HIS A 67 -13.13 6.67 -3.14
CA HIS A 67 -14.26 6.33 -2.21
C HIS A 67 -15.33 5.50 -2.94
N ASN A 68 -14.95 4.25 -3.24
CA ASN A 68 -15.81 3.42 -4.07
C ASN A 68 -15.13 2.09 -4.28
N SER A 69 -15.85 1.11 -4.79
CA SER A 69 -15.23 -0.14 -5.10
C SER A 69 -15.90 -0.75 -6.31
N MET A 70 -15.17 -1.63 -6.98
CA MET A 70 -15.77 -2.39 -8.05
C MET A 70 -15.18 -3.76 -7.93
N THR A 71 -16.01 -4.78 -8.02
CA THR A 71 -15.46 -6.10 -8.06
C THR A 71 -15.77 -6.73 -9.40
N PHE A 72 -14.77 -7.42 -9.95
CA PHE A 72 -14.84 -8.11 -11.22
C PHE A 72 -14.52 -9.58 -11.09
N LEU A 73 -15.17 -10.37 -11.90
CA LEU A 73 -14.82 -11.77 -11.98
C LEU A 73 -14.05 -11.88 -13.31
N VAL A 74 -12.86 -12.48 -13.26
CA VAL A 74 -11.99 -12.50 -14.42
C VAL A 74 -11.58 -13.92 -14.78
N ARG A 75 -11.74 -14.24 -16.05
CA ARG A 75 -11.37 -15.51 -16.59
C ARG A 75 -10.27 -15.22 -17.61
N ALA A 76 -9.05 -15.71 -17.40
CA ALA A 76 -7.87 -15.37 -18.25
C ALA A 76 -6.82 -16.40 -17.91
N PRO A 77 -5.89 -16.66 -18.84
CA PRO A 77 -4.76 -17.61 -18.66
C PRO A 77 -3.80 -17.02 -17.65
N ILE A 78 -3.00 -17.87 -17.05
CA ILE A 78 -2.12 -17.46 -16.02
C ILE A 78 -1.18 -16.33 -16.41
N PHE A 79 -0.67 -16.34 -17.64
CA PHE A 79 0.30 -15.28 -18.03
C PHE A 79 -0.36 -13.86 -18.02
N THR A 80 -1.66 -13.78 -18.27
CA THR A 80 -2.34 -12.52 -18.21
C THR A 80 -2.69 -12.19 -16.78
N VAL A 81 -3.06 -13.20 -15.98
CA VAL A 81 -3.33 -12.99 -14.57
C VAL A 81 -2.03 -12.45 -13.93
N ARG A 82 -0.87 -12.93 -14.36
CA ARG A 82 0.37 -12.34 -13.75
C ARG A 82 0.44 -10.87 -14.01
N HIS A 83 -0.02 -10.46 -15.20
CA HIS A 83 -0.03 -9.03 -15.47
C HIS A 83 -0.95 -8.24 -14.51
N LEU A 84 -2.17 -8.72 -14.37
CA LEU A 84 -3.16 -8.07 -13.55
C LEU A 84 -2.70 -7.97 -12.10
N MET A 85 -2.07 -9.02 -11.59
CA MET A 85 -1.72 -9.10 -10.20
C MET A 85 -0.47 -8.33 -9.80
N ARG A 86 0.18 -7.68 -10.78
CA ARG A 86 1.25 -6.76 -10.46
C ARG A 86 0.72 -5.43 -9.86
N HIS A 87 -0.56 -5.12 -10.04
CA HIS A 87 -1.13 -3.89 -9.50
C HIS A 87 -1.48 -4.04 -8.00
N ARG A 88 -0.62 -3.54 -7.15
CA ARG A 88 -0.64 -3.86 -5.77
C ARG A 88 -1.70 -3.19 -4.96
N THR A 89 -2.39 -2.19 -5.49
CA THR A 89 -3.41 -1.58 -4.68
C THR A 89 -4.76 -2.29 -4.92
N TRP A 90 -4.80 -3.37 -5.70
CA TRP A 90 -6.07 -4.19 -5.83
C TRP A 90 -6.17 -5.30 -4.82
N SER A 91 -7.33 -5.91 -4.75
CA SER A 91 -7.51 -7.15 -3.94
C SER A 91 -7.89 -8.31 -4.88
N PHE A 92 -7.27 -9.46 -4.69
CA PHE A 92 -7.48 -10.62 -5.51
C PHE A 92 -7.81 -11.90 -4.74
N ASN A 93 -8.77 -12.68 -5.20
CA ASN A 93 -8.79 -14.11 -4.81
C ASN A 93 -8.91 -14.95 -6.04
N GLU A 94 -8.06 -15.96 -6.15
CA GLU A 94 -7.83 -16.71 -7.39
C GLU A 94 -7.97 -18.20 -7.17
N GLU A 95 -8.48 -18.92 -8.18
CA GLU A 95 -8.55 -20.36 -8.18
C GLU A 95 -7.14 -20.87 -7.85
N SER A 96 -7.05 -21.92 -7.03
CA SER A 96 -5.78 -22.47 -6.60
C SER A 96 -5.53 -23.85 -7.21
N ALA A 97 -4.39 -24.04 -7.83
CA ALA A 97 -4.03 -25.39 -8.30
C ALA A 97 -3.42 -26.20 -7.17
N ARG A 98 -3.13 -25.58 -6.04
CA ARG A 98 -2.72 -26.40 -4.89
C ARG A 98 -3.93 -27.15 -4.28
N TYR A 99 -5.11 -26.57 -4.32
CA TYR A 99 -6.29 -27.21 -3.82
C TYR A 99 -7.07 -27.96 -4.89
N ARG A 100 -7.11 -27.45 -6.10
CA ARG A 100 -8.03 -28.01 -7.10
C ARG A 100 -7.30 -28.73 -8.18
N GLU A 101 -7.97 -29.74 -8.71
CA GLU A 101 -7.61 -30.27 -9.96
C GLU A 101 -8.09 -29.27 -11.04
N VAL A 102 -7.12 -28.67 -11.72
CA VAL A 102 -7.36 -27.64 -12.73
C VAL A 102 -8.08 -28.21 -13.97
N GLY A 103 -9.01 -27.44 -14.53
CA GLY A 103 -9.65 -27.70 -15.82
C GLY A 103 -8.74 -27.64 -17.06
N ALA A 104 -8.99 -28.55 -18.01
CA ALA A 104 -8.20 -28.61 -19.24
C ALA A 104 -8.65 -27.56 -20.26
N ALA A 105 -8.67 -26.31 -19.82
CA ALA A 105 -8.90 -25.19 -20.69
C ALA A 105 -7.61 -24.36 -20.84
N PHE A 106 -7.22 -24.04 -22.08
CA PHE A 106 -5.97 -23.36 -22.39
C PHE A 106 -6.21 -22.24 -23.40
N TYR A 107 -5.48 -21.15 -23.24
CA TYR A 107 -5.62 -20.06 -24.11
C TYR A 107 -4.81 -20.25 -25.39
N VAL A 108 -5.43 -19.98 -26.53
CA VAL A 108 -4.72 -19.66 -27.78
C VAL A 108 -5.31 -18.40 -28.36
N PRO A 109 -4.45 -17.54 -28.95
CA PRO A 109 -4.93 -16.29 -29.54
C PRO A 109 -5.91 -16.57 -30.68
N ASP A 110 -6.82 -15.63 -30.93
CA ASP A 110 -7.74 -15.83 -32.03
C ASP A 110 -7.14 -15.31 -33.35
N ALA A 111 -7.94 -15.45 -34.42
CA ALA A 111 -7.50 -15.13 -35.79
C ALA A 111 -7.00 -13.74 -35.99
N THR A 112 -7.71 -12.76 -35.43
CA THR A 112 -7.39 -11.33 -35.60
C THR A 112 -6.21 -10.80 -34.75
N ARG A 113 -5.61 -11.64 -33.92
CA ARG A 113 -4.51 -11.27 -33.05
C ARG A 113 -3.28 -11.11 -33.94
N LEU A 114 -2.57 -10.00 -33.85
CA LEU A 114 -1.28 -9.87 -34.56
C LEU A 114 -0.28 -10.93 -34.00
N LEU A 115 0.32 -11.78 -34.84
CA LEU A 115 1.18 -12.84 -34.27
C LEU A 115 2.71 -12.62 -34.28
N ARG A 116 3.14 -11.58 -35.01
CA ARG A 116 4.57 -11.25 -35.23
C ARG A 116 4.96 -9.94 -34.58
N GLU A 118 3.86 -8.42 -30.36
CA GLU A 118 4.94 -7.44 -30.32
C GLU A 118 6.19 -8.14 -29.85
N GLY A 119 7.20 -8.21 -30.73
CA GLY A 119 8.44 -8.99 -30.53
C GLY A 119 9.45 -8.39 -29.55
N LYS A 120 9.29 -7.09 -29.33
CA LYS A 120 9.91 -6.32 -28.26
C LYS A 120 8.91 -5.14 -28.15
N PRO A 121 8.07 -5.15 -27.09
CA PRO A 121 7.04 -4.11 -26.82
C PRO A 121 7.63 -2.69 -26.74
N GLY A 122 6.99 -1.73 -27.40
CA GLY A 122 7.56 -0.39 -27.51
C GLY A 122 8.33 -0.22 -28.81
N ASP A 123 8.65 -1.35 -29.43
CA ASP A 123 9.12 -1.41 -30.80
C ASP A 123 7.88 -1.69 -31.67
N TYR A 124 7.32 -0.60 -32.21
CA TYR A 124 6.28 -0.63 -33.25
C TYR A 124 6.97 -0.78 -34.61
N ARG A 125 8.20 -1.30 -34.58
CA ARG A 125 8.90 -1.87 -35.74
C ARG A 125 8.86 -3.42 -35.70
N TYR A 126 8.62 -3.98 -34.51
CA TYR A 126 8.56 -5.43 -34.25
C TYR A 126 7.12 -6.00 -34.21
N VAL A 127 6.14 -5.20 -34.65
CA VAL A 127 4.72 -5.60 -34.60
C VAL A 127 4.19 -5.98 -36.02
N GLY A 128 3.46 -7.10 -36.11
CA GLY A 128 2.91 -7.61 -37.38
C GLY A 128 2.17 -8.95 -37.26
N GLY A 129 2.11 -9.72 -38.36
CA GLY A 129 1.44 -11.05 -38.38
C GLY A 129 0.89 -11.59 -39.71
N SER A 130 0.49 -12.87 -39.71
CA SER A 130 -0.36 -13.48 -40.77
C SER A 130 -1.29 -14.59 -40.23
N THR A 131 -1.96 -15.35 -41.11
CA THR A 131 -2.95 -16.34 -40.64
C THR A 131 -2.53 -17.80 -40.87
N ASP A 132 -1.41 -17.97 -41.57
CA ASP A 132 -0.66 -19.22 -41.53
C ASP A 132 0.14 -19.27 -40.22
N ASP A 133 0.47 -18.11 -39.67
CA ASP A 133 0.96 -18.08 -38.29
C ASP A 133 -0.10 -18.58 -37.29
N HIS A 134 -1.36 -18.27 -37.55
CA HIS A 134 -2.42 -18.67 -36.67
C HIS A 134 -2.47 -20.16 -36.49
N GLN A 135 -2.58 -20.85 -37.62
CA GLN A 135 -2.66 -22.30 -37.62
C GLN A 135 -1.41 -22.94 -37.05
N GLN A 136 -0.27 -22.26 -37.19
CA GLN A 136 0.94 -22.78 -36.61
C GLN A 136 0.94 -22.73 -35.09
N VAL A 137 0.54 -21.56 -34.57
CA VAL A 137 0.42 -21.33 -33.16
C VAL A 137 -0.56 -22.36 -32.60
N VAL A 138 -1.75 -22.44 -33.18
CA VAL A 138 -2.76 -23.31 -32.60
C VAL A 138 -2.29 -24.74 -32.60
N ARG A 139 -1.67 -25.12 -33.69
CA ARG A 139 -1.29 -26.53 -33.84
C ARG A 139 -0.16 -26.84 -32.87
N SER A 140 0.79 -25.95 -32.79
CA SER A 140 1.93 -26.14 -31.99
C SER A 140 1.58 -26.11 -30.48
N ALA A 141 0.75 -25.14 -30.06
CA ALA A 141 0.27 -25.00 -28.67
C ALA A 141 -0.48 -26.24 -28.28
N THR A 142 -1.36 -26.66 -29.18
CA THR A 142 -2.11 -27.91 -28.99
C THR A 142 -1.23 -29.08 -28.64
N ARG A 143 -0.12 -29.32 -29.36
CA ARG A 143 0.73 -30.46 -28.95
C ARG A 143 1.28 -30.18 -27.55
N ALA A 144 1.76 -28.97 -27.31
CA ALA A 144 2.31 -28.69 -25.98
C ALA A 144 1.26 -28.93 -24.85
N TYR A 145 0.04 -28.46 -25.05
CA TYR A 145 -0.99 -28.50 -23.99
C TYR A 145 -1.48 -29.89 -23.77
N GLU A 146 -1.75 -30.61 -24.88
CA GLU A 146 -2.14 -32.04 -24.84
C GLU A 146 -1.17 -32.85 -24.00
N VAL A 147 0.11 -32.68 -24.24
CA VAL A 147 1.12 -33.54 -23.56
C VAL A 147 1.18 -33.12 -22.12
N ALA A 148 1.13 -31.80 -21.86
CA ALA A 148 1.17 -31.33 -20.49
C ALA A 148 0.01 -31.89 -19.68
N PHE A 149 -1.19 -31.81 -20.24
CA PHE A 149 -2.38 -32.28 -19.52
C PHE A 149 -2.42 -33.79 -19.25
N GLU A 150 -2.08 -34.57 -20.26
CA GLU A 150 -1.84 -36.00 -20.14
C GLU A 150 -0.91 -36.36 -19.00
N GLU A 151 0.23 -35.69 -18.92
CA GLU A 151 1.15 -35.88 -17.82
C GLU A 151 0.62 -35.36 -16.52
N TYR A 152 -0.13 -34.24 -16.54
CA TYR A 152 -0.70 -33.75 -15.31
C TYR A 152 -1.66 -34.84 -14.78
N GLN A 153 -2.47 -35.40 -15.69
CA GLN A 153 -3.40 -36.46 -15.29
C GLN A 153 -2.69 -37.72 -14.76
N ARG A 154 -1.63 -38.13 -15.44
CA ARG A 154 -0.87 -39.30 -15.00
C ARG A 154 -0.21 -39.10 -13.62
N LEU A 155 0.30 -37.90 -13.33
CA LEU A 155 0.81 -37.61 -11.98
C LEU A 155 -0.28 -37.67 -10.92
N LEU A 156 -1.44 -37.05 -11.16
CA LEU A 156 -2.56 -37.17 -10.21
C LEU A 156 -2.95 -38.65 -9.98
N ASP A 157 -3.13 -39.35 -11.11
CA ASP A 157 -3.52 -40.76 -11.11
C ASP A 157 -2.47 -41.65 -10.40
N SER A 158 -1.25 -41.15 -10.18
CA SER A 158 -0.28 -41.92 -9.39
C SER A 158 -0.26 -41.53 -7.95
N GLY A 159 -1.16 -40.62 -7.52
CA GLY A 159 -1.19 -40.07 -6.16
C GLY A 159 -0.21 -38.92 -5.87
N ILE A 160 0.35 -38.28 -6.92
CA ILE A 160 1.17 -37.08 -6.74
C ILE A 160 0.24 -35.88 -6.34
N ALA A 161 0.68 -35.13 -5.35
CA ALA A 161 -0.08 -34.02 -4.82
C ALA A 161 -0.39 -32.98 -5.95
N ARG A 162 -1.57 -32.39 -5.85
CA ARG A 162 -1.99 -31.38 -6.83
C ARG A 162 -0.94 -30.28 -7.04
N GLU A 163 -0.32 -29.83 -5.95
CA GLU A 163 0.62 -28.73 -5.99
C GLU A 163 1.87 -29.04 -6.78
N ILE A 164 2.14 -30.32 -6.95
CA ILE A 164 3.33 -30.79 -7.65
C ILE A 164 2.89 -31.17 -9.08
N ALA A 165 1.74 -31.83 -9.23
CA ALA A 165 1.33 -32.23 -10.53
C ALA A 165 1.31 -31.05 -11.49
N ARG A 166 0.91 -29.87 -10.98
CA ARG A 166 0.65 -28.76 -11.85
C ARG A 166 1.92 -28.16 -12.44
N LEU A 167 3.09 -28.61 -12.04
CA LEU A 167 4.29 -28.01 -12.53
C LEU A 167 4.40 -28.13 -14.04
N VAL A 168 3.64 -29.04 -14.63
CA VAL A 168 3.79 -29.32 -16.06
C VAL A 168 2.80 -28.54 -16.91
N LEU A 169 1.99 -27.73 -16.25
CA LEU A 169 0.92 -27.01 -16.97
C LEU A 169 1.45 -25.70 -17.52
N PRO A 170 1.07 -25.34 -18.74
CA PRO A 170 1.62 -24.13 -19.33
C PRO A 170 1.03 -22.86 -18.70
N VAL A 171 1.64 -21.71 -18.94
CA VAL A 171 1.10 -20.44 -18.43
C VAL A 171 -0.18 -19.96 -19.16
N SER A 172 -0.59 -20.73 -20.16
CA SER A 172 -1.80 -20.42 -20.87
C SER A 172 -3.00 -21.12 -20.25
N THR A 173 -2.78 -21.92 -19.22
CA THR A 173 -3.89 -22.54 -18.50
C THR A 173 -4.85 -21.45 -18.00
N TYR A 174 -6.14 -21.64 -18.19
CA TYR A 174 -7.12 -20.69 -17.65
C TYR A 174 -7.17 -20.72 -16.12
N SER A 175 -7.37 -19.56 -15.55
CA SER A 175 -7.57 -19.46 -14.13
C SER A 175 -8.73 -18.49 -14.05
N VAL A 176 -9.20 -18.24 -12.83
CA VAL A 176 -10.33 -17.34 -12.60
C VAL A 176 -10.13 -16.68 -11.26
N LEU A 177 -10.57 -15.46 -11.11
CA LEU A 177 -10.33 -14.74 -9.88
C LEU A 177 -11.34 -13.64 -9.75
N TYR A 178 -11.54 -13.17 -8.52
CA TYR A 178 -12.20 -11.92 -8.21
C TYR A 178 -11.12 -10.87 -8.04
N ALA A 179 -11.36 -9.68 -8.60
CA ALA A 179 -10.38 -8.60 -8.60
C ALA A 179 -11.15 -7.32 -8.19
N THR A 180 -10.73 -6.64 -7.13
CA THR A 180 -11.48 -5.46 -6.62
C THR A 180 -10.56 -4.28 -6.55
N CYS A 181 -11.06 -3.13 -7.00
CA CYS A 181 -10.21 -1.92 -7.07
C CYS A 181 -11.17 -0.69 -6.73
N ASN A 182 -10.60 0.46 -6.42
CA ASN A 182 -11.39 1.71 -6.42
C ASN A 182 -11.12 2.39 -7.77
N ALA A 183 -11.79 3.50 -8.05
CA ALA A 183 -11.73 4.09 -9.39
C ALA A 183 -10.34 4.68 -9.68
N ARG A 184 -9.73 5.25 -8.66
CA ARG A 184 -8.38 5.73 -8.83
C ARG A 184 -7.41 4.64 -9.17
N ALA A 185 -7.57 3.44 -8.64
CA ALA A 185 -6.60 2.35 -8.93
C ALA A 185 -6.83 1.78 -10.37
N LEU A 186 -8.10 1.78 -10.76
CA LEU A 186 -8.53 1.40 -12.06
C LEU A 186 -7.96 2.32 -13.15
N MET A 187 -8.17 3.60 -12.97
CA MET A 187 -7.53 4.57 -13.88
C MET A 187 -6.01 4.35 -14.03
N HIS A 188 -5.33 4.09 -12.93
CA HIS A 188 -3.91 3.84 -12.99
C HIS A 188 -3.62 2.61 -13.80
N PHE A 189 -4.41 1.57 -13.53
CA PHE A 189 -4.35 0.30 -14.23
C PHE A 189 -4.60 0.59 -15.71
N LEU A 190 -5.60 1.43 -16.01
CA LEU A 190 -5.97 1.61 -17.46
C LEU A 190 -4.88 2.33 -18.23
N SER A 191 -4.19 3.26 -17.54
CA SER A 191 -3.10 3.99 -18.18
C SER A 191 -1.92 3.12 -18.54
N LEU A 192 -1.80 1.95 -17.89
CA LEU A 192 -0.69 1.06 -18.08
C LEU A 192 -1.14 -0.05 -18.96
N ARG A 193 -2.40 -0.47 -18.80
CA ARG A 193 -2.82 -1.71 -19.38
C ARG A 193 -3.65 -1.57 -20.65
N THR A 194 -3.82 -0.36 -21.14
CA THR A 194 -4.32 -0.16 -22.52
C THR A 194 -3.24 0.55 -23.35
N HIS A 195 -3.13 0.18 -24.64
CA HIS A 195 -2.26 0.83 -25.59
C HIS A 195 -3.04 1.97 -26.32
N ARG A 196 -2.78 3.21 -25.96
CA ARG A 196 -3.55 4.31 -26.41
C ARG A 196 -2.55 5.38 -26.87
N PRO A 197 -2.22 5.36 -28.18
CA PRO A 197 -1.26 6.40 -28.70
C PRO A 197 -1.80 7.81 -28.45
N ASP A 198 -3.09 7.97 -28.23
CA ASP A 198 -3.58 9.30 -27.86
C ASP A 198 -3.32 9.75 -26.44
N ALA A 199 -2.98 8.83 -25.54
CA ALA A 199 -2.71 9.15 -24.13
C ALA A 199 -1.43 10.03 -24.00
N ALA A 200 -1.36 10.86 -22.94
CA ALA A 200 -0.10 11.53 -22.58
C ALA A 200 1.11 10.65 -22.49
N TYR A 201 0.95 9.43 -21.95
CA TYR A 201 2.11 8.49 -21.83
C TYR A 201 1.65 7.20 -22.38
N VAL A 202 2.32 6.78 -23.41
CA VAL A 202 1.81 5.66 -24.13
C VAL A 202 2.43 4.39 -23.49
N SER A 203 1.59 3.43 -23.19
CA SER A 203 2.06 2.19 -22.73
C SER A 203 1.90 1.14 -23.81
N HIS A 204 2.65 0.07 -23.67
CA HIS A 204 2.63 -1.09 -24.57
C HIS A 204 2.25 -2.48 -23.96
N PRO A 205 1.12 -2.57 -23.26
CA PRO A 205 0.73 -3.86 -22.65
C PRO A 205 0.55 -4.98 -23.70
N GLN A 206 0.70 -6.24 -23.26
CA GLN A 206 0.31 -7.43 -24.08
C GLN A 206 -1.19 -7.34 -24.42
N ARG A 207 -1.58 -7.77 -25.62
CA ARG A 207 -2.96 -7.65 -26.02
C ARG A 207 -3.97 -8.29 -25.07
N GLU A 208 -3.57 -9.39 -24.44
CA GLU A 208 -4.46 -10.15 -23.59
C GLU A 208 -4.87 -9.41 -22.33
N ILE A 209 -3.92 -8.72 -21.68
CA ILE A 209 -4.33 -7.94 -20.52
C ILE A 209 -5.10 -6.72 -20.95
N GLU A 210 -4.79 -6.19 -22.12
CA GLU A 210 -5.51 -5.03 -22.64
C GLU A 210 -6.99 -5.37 -22.84
N MET A 211 -7.29 -6.57 -23.28
CA MET A 211 -8.67 -7.08 -23.38
C MET A 211 -9.35 -7.05 -22.05
N VAL A 212 -8.65 -7.41 -20.98
CA VAL A 212 -9.20 -7.36 -19.62
C VAL A 212 -9.53 -5.92 -19.30
N ALA A 213 -8.53 -5.07 -19.58
CA ALA A 213 -8.63 -3.70 -19.27
C ALA A 213 -9.76 -2.98 -20.00
N GLU A 214 -9.85 -3.21 -21.30
CA GLU A 214 -11.02 -2.66 -22.08
C GLU A 214 -12.37 -3.05 -21.54
N GLN A 215 -12.50 -4.30 -21.13
CA GLN A 215 -13.79 -4.75 -20.55
C GLN A 215 -14.09 -4.04 -19.25
N MET A 216 -13.03 -3.79 -18.45
CA MET A 216 -13.23 -3.11 -17.14
C MET A 216 -13.57 -1.62 -17.37
N GLU A 217 -12.85 -0.99 -18.29
CA GLU A 217 -13.15 0.39 -18.63
C GLU A 217 -14.60 0.53 -19.11
N THR A 218 -15.00 -0.36 -19.98
CA THR A 218 -16.40 -0.32 -20.50
C THR A 218 -17.41 -0.43 -19.34
N ALA A 219 -17.23 -1.43 -18.46
CA ALA A 219 -18.15 -1.52 -17.31
C ALA A 219 -18.10 -0.23 -16.44
N TRP A 220 -16.89 0.30 -16.24
CA TRP A 220 -16.73 1.44 -15.37
C TRP A 220 -17.36 2.71 -15.96
N ALA A 221 -17.24 2.87 -17.28
CA ALA A 221 -17.93 3.97 -18.00
C ALA A 221 -19.43 4.02 -17.73
N LYS A 222 -20.06 2.86 -17.51
CA LYS A 222 -21.46 2.83 -17.12
C LYS A 222 -21.71 3.27 -15.70
N LEU A 223 -20.73 3.07 -14.83
CA LEU A 223 -20.90 3.52 -13.47
C LEU A 223 -20.55 4.94 -13.26
N MET A 224 -19.52 5.39 -13.95
CA MET A 224 -19.00 6.71 -13.65
C MET A 224 -18.70 7.42 -14.95
N PRO A 225 -19.76 7.73 -15.75
CA PRO A 225 -19.45 8.20 -17.11
C PRO A 225 -18.72 9.53 -17.18
N VAL A 226 -18.88 10.40 -16.19
CA VAL A 226 -18.27 11.72 -16.24
C VAL A 226 -16.80 11.63 -15.89
N THR A 227 -16.49 10.91 -14.83
CA THR A 227 -15.09 10.56 -14.56
C THR A 227 -14.43 9.86 -15.74
N HIS A 228 -15.12 8.93 -16.39
CA HIS A 228 -14.45 8.20 -17.51
C HIS A 228 -14.14 9.17 -18.64
N GLU A 229 -15.01 10.15 -18.83
CA GLU A 229 -14.83 11.11 -19.94
C GLU A 229 -13.69 12.05 -19.61
N ALA A 230 -13.67 12.54 -18.38
CA ALA A 230 -12.59 13.42 -17.98
C ALA A 230 -11.22 12.67 -18.03
N PHE A 231 -11.24 11.36 -17.69
CA PHE A 231 -10.03 10.56 -17.70
C PHE A 231 -9.43 10.66 -19.10
N THR A 232 -10.22 10.29 -20.09
CA THR A 232 -9.75 10.36 -21.47
C THR A 232 -9.41 11.76 -21.99
N ALA A 233 -10.13 12.76 -21.50
CA ALA A 233 -10.00 14.09 -22.07
C ALA A 233 -8.63 14.61 -21.70
N PHE A 234 -8.16 14.28 -20.48
CA PHE A 234 -6.88 14.82 -20.02
C PHE A 234 -5.70 13.91 -20.20
N GLY A 235 -5.77 12.99 -21.15
CA GLY A 235 -4.59 12.20 -21.56
C GLY A 235 -4.44 10.84 -20.90
N ARG A 236 -5.51 10.36 -20.23
CA ARG A 236 -5.52 9.01 -19.64
C ARG A 236 -4.36 8.91 -18.62
N VAL A 237 -4.22 9.95 -17.82
CA VAL A 237 -3.24 9.99 -16.73
C VAL A 237 -4.10 9.85 -15.49
N SER A 238 -3.78 8.89 -14.64
CA SER A 238 -4.48 8.68 -13.41
C SER A 238 -4.23 9.83 -12.41
N PRO A 239 -5.29 10.38 -11.83
CA PRO A 239 -5.04 11.50 -10.92
C PRO A 239 -4.50 10.95 -9.56
N ARG B 5 17.90 -29.15 -26.24
CA ARG B 5 17.98 -29.86 -24.91
C ARG B 5 17.74 -28.90 -23.70
N ILE B 6 17.02 -29.42 -22.74
CA ILE B 6 16.60 -28.62 -21.64
C ILE B 6 17.46 -29.01 -20.45
N GLU B 7 17.39 -28.19 -19.43
CA GLU B 7 18.08 -28.46 -18.20
C GLU B 7 17.03 -28.55 -17.10
N LEU B 8 17.11 -29.61 -16.31
CA LEU B 8 16.27 -29.73 -15.16
C LEU B 8 17.09 -29.38 -13.92
N ARG B 9 16.51 -28.59 -13.02
CA ARG B 9 17.20 -28.16 -11.82
C ARG B 9 16.24 -28.29 -10.69
N SER B 10 16.73 -28.40 -9.47
CA SER B 10 15.83 -28.41 -8.33
C SER B 10 16.29 -27.48 -7.25
N ASP B 11 17.18 -26.56 -7.60
CA ASP B 11 17.64 -25.58 -6.63
C ASP B 11 16.80 -24.32 -6.74
N ILE B 12 16.37 -23.85 -5.59
CA ILE B 12 15.77 -22.53 -5.51
C ILE B 12 16.69 -21.57 -4.71
N THR B 13 17.18 -20.51 -5.33
CA THR B 13 18.18 -19.64 -4.70
C THR B 13 17.78 -18.16 -4.45
N VAL B 14 18.29 -17.64 -3.35
CA VAL B 14 18.08 -16.29 -2.95
C VAL B 14 19.47 -15.73 -2.59
N GLU B 15 19.77 -14.57 -3.10
CA GLU B 15 21.00 -13.92 -2.76
C GLU B 15 20.70 -12.46 -2.19
N LEU B 16 21.28 -12.07 -1.07
CA LEU B 16 21.05 -10.70 -0.60
C LEU B 16 21.94 -9.80 -1.43
N VAL B 17 21.35 -8.88 -2.15
CA VAL B 17 22.14 -8.16 -3.06
C VAL B 17 22.42 -6.76 -2.51
N ASP B 18 21.61 -6.27 -1.57
CA ASP B 18 21.83 -4.95 -1.02
C ASP B 18 20.98 -4.75 0.21
N SER B 19 21.40 -3.87 1.12
CA SER B 19 20.52 -3.55 2.21
C SER B 19 20.93 -2.36 2.99
N SER B 20 20.03 -1.94 3.87
CA SER B 20 20.34 -0.96 4.87
C SER B 20 19.47 -1.28 6.09
N ALA B 21 19.71 -2.40 6.75
CA ALA B 21 18.89 -2.82 7.85
C ALA B 21 19.78 -3.08 9.10
N SER B 22 19.39 -2.52 10.26
CA SER B 22 20.09 -2.77 11.53
C SER B 22 19.13 -2.76 12.71
N ASP B 23 19.50 -3.36 13.82
CA ASP B 23 18.63 -3.31 14.98
C ASP B 23 18.58 -1.90 15.53
N LEU B 24 19.64 -1.11 15.31
CA LEU B 24 19.73 0.30 15.80
C LEU B 24 18.78 1.26 15.11
N ALA B 25 18.67 1.10 13.81
CA ALA B 25 17.59 1.76 13.04
C ALA B 25 16.24 1.62 13.77
N VAL B 26 15.91 0.41 14.23
CA VAL B 26 14.62 0.21 14.90
C VAL B 26 14.55 0.98 16.22
N VAL B 27 15.60 0.83 17.05
CA VAL B 27 15.69 1.51 18.34
C VAL B 27 15.52 3.02 18.16
N LYS B 28 16.35 3.61 17.32
CA LYS B 28 16.23 5.05 17.01
C LYS B 28 14.80 5.44 16.63
N ALA B 29 14.26 4.76 15.62
CA ALA B 29 12.94 5.12 15.12
C ALA B 29 11.95 5.08 16.26
N ALA B 30 12.02 4.04 17.10
CA ALA B 30 11.03 3.91 18.17
C ALA B 30 11.23 4.92 19.29
N ARG B 31 12.49 5.33 19.50
CA ARG B 31 12.84 6.25 20.59
C ARG B 31 12.26 7.65 20.39
N VAL B 32 12.32 8.16 19.15
CA VAL B 32 11.72 9.46 18.82
C VAL B 32 10.31 9.72 19.43
N SER B 33 9.50 8.67 19.57
CA SER B 33 8.11 8.79 20.13
C SER B 33 8.02 9.16 21.64
N THR B 34 8.96 8.66 22.45
CA THR B 34 9.08 9.01 23.89
C THR B 34 10.23 9.99 24.18
N ALA B 35 11.27 9.98 23.34
CA ALA B 35 12.49 10.77 23.59
C ALA B 35 12.54 12.08 22.82
N GLY B 36 11.70 12.21 21.78
CA GLY B 36 11.80 13.34 20.84
C GLY B 36 13.15 13.35 20.12
N GLU B 37 13.74 14.53 19.95
CA GLU B 37 14.98 14.67 19.14
C GLU B 37 16.29 14.02 19.68
N ASP B 38 16.31 13.64 20.96
CA ASP B 38 17.34 12.77 21.56
C ASP B 38 17.51 11.40 20.88
N ALA B 39 16.36 10.82 20.48
CA ALA B 39 16.21 9.75 19.47
C ALA B 39 17.44 9.51 18.59
N ASN B 40 17.76 10.51 17.75
CA ASN B 40 18.85 10.38 16.76
C ASN B 40 20.29 10.28 17.33
N ASP B 41 20.44 10.57 18.62
CA ASP B 41 21.76 10.64 19.29
C ASP B 41 22.08 9.53 20.32
N GLU B 42 21.07 9.20 21.14
CA GLU B 42 21.18 8.54 22.45
C GLU B 42 22.16 7.35 22.73
N LEU B 43 22.34 7.08 24.04
CA LEU B 43 23.32 6.13 24.65
C LEU B 43 23.01 4.59 24.69
N TYR B 44 22.10 4.12 23.82
CA TYR B 44 21.52 2.76 23.87
C TYR B 44 22.46 1.58 23.66
N ASP B 45 22.49 0.70 24.67
CA ASP B 45 23.38 -0.50 24.76
C ASP B 45 22.72 -1.87 24.39
N GLY B 46 23.49 -2.95 24.54
CA GLY B 46 23.02 -4.31 24.20
C GLY B 46 21.74 -4.77 24.90
N GLY B 47 21.60 -4.38 26.17
CA GLY B 47 20.47 -4.83 26.96
C GLY B 47 19.24 -3.96 26.79
N SER B 48 19.46 -2.68 26.55
CA SER B 48 18.36 -1.77 26.25
C SER B 48 17.81 -2.05 24.84
N THR B 49 18.65 -2.56 23.94
CA THR B 49 18.25 -2.84 22.58
C THR B 49 17.30 -4.06 22.55
N ARG B 50 17.72 -5.13 23.22
CA ARG B 50 16.90 -6.30 23.38
C ARG B 50 15.57 -5.96 24.01
N GLY B 51 15.63 -5.19 25.08
CA GLY B 51 14.43 -4.86 25.82
C GLY B 51 13.42 -4.07 25.02
N LEU B 52 13.89 -3.04 24.35
CA LEU B 52 12.99 -2.23 23.56
C LEU B 52 12.33 -2.99 22.39
N ILE B 53 13.13 -3.77 21.65
CA ILE B 53 12.67 -4.52 20.48
C ILE B 53 11.68 -5.65 20.87
N ARG B 54 11.98 -6.37 21.94
CA ARG B 54 11.07 -7.41 22.46
C ARG B 54 9.77 -6.78 22.82
N TYR B 55 9.83 -5.64 23.50
CA TYR B 55 8.63 -4.88 23.83
C TYR B 55 7.84 -4.44 22.59
N LEU B 56 8.51 -4.04 21.52
CA LEU B 56 7.75 -3.55 20.37
C LEU B 56 7.07 -4.76 19.66
N MET B 57 7.81 -5.85 19.59
CA MET B 57 7.32 -7.09 19.08
C MET B 57 6.16 -7.61 19.88
N ARG B 58 6.26 -7.65 21.18
CA ARG B 58 5.12 -8.13 21.94
C ARG B 58 3.89 -7.21 21.85
N SER B 59 4.11 -5.90 21.67
CA SER B 59 2.96 -4.95 21.57
C SER B 59 2.45 -4.78 20.16
N ARG B 60 3.11 -5.45 19.19
CA ARG B 60 2.84 -5.24 17.76
C ARG B 60 2.94 -3.78 17.33
N HIS B 61 3.88 -3.04 17.90
N HIS B 61 3.88 -3.04 17.90
CA HIS B 61 4.20 -1.72 17.36
CA HIS B 61 4.13 -1.72 17.39
C HIS B 61 5.15 -1.98 16.20
C HIS B 61 5.12 -1.88 16.21
N GLY B 62 4.57 -2.03 15.01
CA GLY B 62 5.33 -2.44 13.81
C GLY B 62 6.05 -1.37 13.00
N SER B 63 5.60 -0.11 13.07
CA SER B 63 6.17 0.95 12.23
C SER B 63 7.69 1.16 12.40
N PRO B 64 8.24 1.07 13.68
CA PRO B 64 9.69 1.18 13.77
C PRO B 64 10.44 0.09 13.01
N PHE B 65 9.80 -0.99 12.63
CA PHE B 65 10.53 -1.97 11.83
C PHE B 65 10.49 -1.66 10.34
N GLU B 66 9.94 -0.51 9.99
CA GLU B 66 9.80 -0.21 8.52
C GLU B 66 10.98 0.62 7.92
N HIS B 67 11.78 1.23 8.78
CA HIS B 67 12.80 2.17 8.32
C HIS B 67 14.05 1.48 7.91
N ASN B 68 13.94 0.67 6.85
CA ASN B 68 15.05 -0.14 6.32
C ASN B 68 14.66 -0.67 4.97
N SER B 69 15.57 -1.37 4.31
CA SER B 69 15.24 -2.12 3.13
C SER B 69 16.25 -3.19 2.94
N MET B 70 15.81 -4.27 2.29
CA MET B 70 16.65 -5.38 1.91
C MET B 70 16.19 -5.69 0.50
N THR B 71 17.14 -5.91 -0.41
CA THR B 71 16.89 -6.25 -1.78
C THR B 71 17.49 -7.68 -2.05
N PHE B 72 16.65 -8.61 -2.51
CA PHE B 72 17.13 -9.96 -2.79
C PHE B 72 17.10 -10.21 -4.28
N LEU B 73 18.03 -10.97 -4.80
CA LEU B 73 17.93 -11.58 -6.11
C LEU B 73 17.40 -13.00 -5.90
N VAL B 74 16.27 -13.33 -6.57
CA VAL B 74 15.63 -14.63 -6.43
C VAL B 74 15.61 -15.33 -7.76
N ARG B 75 15.95 -16.63 -7.78
CA ARG B 75 15.80 -17.49 -9.00
C ARG B 75 14.93 -18.67 -8.56
N ALA B 76 13.80 -18.86 -9.26
CA ALA B 76 12.75 -19.78 -8.81
C ALA B 76 11.81 -19.98 -9.97
N PRO B 77 11.06 -21.11 -9.98
CA PRO B 77 10.01 -21.35 -10.96
C PRO B 77 8.88 -20.32 -10.79
N ILE B 78 8.20 -20.06 -11.91
CA ILE B 78 7.10 -19.12 -12.02
C ILE B 78 6.01 -19.44 -10.99
N PHE B 79 5.64 -20.70 -10.79
CA PHE B 79 4.60 -20.98 -9.76
C PHE B 79 4.96 -20.47 -8.33
N THR B 80 6.24 -20.45 -8.01
CA THR B 80 6.75 -19.95 -6.74
C THR B 80 6.89 -18.45 -6.80
N VAL B 81 7.36 -17.89 -7.93
CA VAL B 81 7.29 -16.44 -8.09
C VAL B 81 5.82 -15.92 -7.89
N ARG B 82 4.85 -16.65 -8.43
CA ARG B 82 3.46 -16.26 -8.20
C ARG B 82 3.13 -16.14 -6.68
N HIS B 83 3.70 -17.04 -5.88
CA HIS B 83 3.46 -16.96 -4.45
C HIS B 83 4.11 -15.74 -3.79
N LEU B 84 5.39 -15.49 -4.16
CA LEU B 84 6.11 -14.32 -3.62
C LEU B 84 5.42 -13.02 -4.02
N MET B 85 4.92 -12.96 -5.25
CA MET B 85 4.41 -11.73 -5.76
C MET B 85 3.06 -11.31 -5.24
N ARG B 86 2.38 -12.19 -4.49
CA ARG B 86 1.13 -11.85 -3.83
C ARG B 86 1.38 -10.88 -2.72
N HIS B 87 2.64 -10.62 -2.31
CA HIS B 87 2.89 -9.79 -1.13
C HIS B 87 3.06 -8.35 -1.60
N ARG B 88 2.00 -7.59 -1.41
CA ARG B 88 1.83 -6.33 -2.06
C ARG B 88 2.64 -5.17 -1.49
N THR B 89 3.31 -5.31 -0.35
CA THR B 89 4.13 -4.18 0.17
C THR B 89 5.57 -4.31 -0.34
N TRP B 90 5.89 -5.37 -1.09
CA TRP B 90 7.22 -5.57 -1.66
C TRP B 90 7.32 -4.85 -3.00
N SER B 91 8.53 -4.63 -3.51
CA SER B 91 8.70 -4.17 -4.87
C SER B 91 9.39 -5.26 -5.66
N PHE B 92 9.01 -5.45 -6.91
CA PHE B 92 9.53 -6.53 -7.68
C PHE B 92 9.92 -6.06 -9.07
N ASN B 93 10.97 -6.64 -9.61
CA ASN B 93 11.31 -6.52 -11.00
C ASN B 93 11.81 -7.85 -11.51
N GLU B 94 11.13 -8.37 -12.52
CA GLU B 94 11.30 -9.72 -12.93
C GLU B 94 11.73 -9.74 -14.37
N GLU B 95 12.47 -10.78 -14.73
CA GLU B 95 12.83 -11.03 -16.11
C GLU B 95 11.53 -11.21 -16.94
N SER B 96 11.48 -10.70 -18.16
CA SER B 96 10.27 -10.70 -18.98
C SER B 96 10.45 -11.58 -20.16
N ALA B 97 9.46 -12.42 -20.34
CA ALA B 97 9.46 -13.38 -21.42
C ALA B 97 8.77 -12.74 -22.62
N ARG B 98 8.20 -11.54 -22.47
CA ARG B 98 7.81 -10.76 -23.64
C ARG B 98 9.01 -10.11 -24.36
N TYR B 99 10.03 -9.79 -23.58
CA TYR B 99 11.22 -9.03 -24.03
C TYR B 99 12.38 -9.95 -24.34
N ARG B 100 12.43 -11.10 -23.70
CA ARG B 100 13.51 -12.04 -24.01
C ARG B 100 13.11 -13.47 -24.26
N GLU B 101 13.86 -14.14 -25.12
CA GLU B 101 13.76 -15.58 -25.22
C GLU B 101 14.06 -16.20 -23.88
N VAL B 102 13.22 -17.16 -23.50
CA VAL B 102 13.36 -17.80 -22.17
C VAL B 102 14.35 -18.93 -22.22
N GLY B 103 15.20 -19.02 -21.20
CA GLY B 103 16.18 -20.09 -21.04
C GLY B 103 15.51 -21.39 -20.69
N ALA B 104 16.12 -22.49 -21.11
CA ALA B 104 15.50 -23.80 -20.98
C ALA B 104 15.94 -24.45 -19.69
N ALA B 105 15.62 -23.80 -18.58
CA ALA B 105 15.86 -24.35 -17.25
C ALA B 105 14.48 -24.58 -16.64
N PHE B 106 14.24 -25.76 -16.11
CA PHE B 106 12.92 -26.06 -15.58
C PHE B 106 13.11 -26.73 -14.27
N TYR B 107 12.15 -26.50 -13.39
CA TYR B 107 12.24 -26.94 -12.03
C TYR B 107 11.64 -28.31 -11.85
N VAL B 108 12.32 -29.18 -11.10
CA VAL B 108 11.70 -30.45 -10.67
C VAL B 108 11.99 -30.60 -9.19
N PRO B 109 11.06 -31.14 -8.44
CA PRO B 109 11.34 -31.30 -6.99
C PRO B 109 12.50 -32.29 -6.83
N ASP B 110 13.27 -32.16 -5.75
CA ASP B 110 14.27 -33.17 -5.44
C ASP B 110 13.59 -34.44 -4.82
N ALA B 111 14.31 -35.57 -4.80
CA ALA B 111 13.79 -36.82 -4.21
C ALA B 111 13.18 -36.60 -2.80
N THR B 112 13.98 -36.03 -1.91
CA THR B 112 13.63 -35.78 -0.51
C THR B 112 12.48 -34.75 -0.30
N ARG B 113 12.09 -34.03 -1.35
CA ARG B 113 11.02 -33.03 -1.25
C ARG B 113 9.68 -33.72 -1.28
N LEU B 114 9.60 -34.70 -2.18
CA LEU B 114 8.34 -35.35 -2.52
C LEU B 114 7.64 -36.05 -1.34
N LEU B 115 8.42 -36.37 -0.31
CA LEU B 115 7.92 -36.97 0.91
C LEU B 115 7.29 -35.91 1.85
N ARG B 116 6.87 -34.79 1.27
CA ARG B 116 6.32 -33.68 2.05
C ARG B 116 5.37 -32.90 1.12
N GLN B 117 4.52 -33.65 0.43
CA GLN B 117 3.54 -33.08 -0.53
C GLN B 117 2.27 -32.74 0.26
N GLU B 118 1.67 -31.59 -0.02
CA GLU B 118 0.44 -31.17 0.69
C GLU B 118 -0.74 -31.23 -0.25
N GLY B 119 -1.46 -32.36 -0.20
CA GLY B 119 -2.62 -32.66 -1.08
C GLY B 119 -3.82 -31.73 -0.97
N LYS B 120 -3.97 -31.11 0.21
CA LYS B 120 -4.96 -30.09 0.46
C LYS B 120 -4.43 -29.31 1.65
N PRO B 121 -3.72 -28.19 1.41
CA PRO B 121 -3.04 -27.33 2.43
C PRO B 121 -3.93 -26.90 3.61
N GLY B 122 -3.48 -27.18 4.83
CA GLY B 122 -4.27 -26.94 6.02
C GLY B 122 -4.84 -28.21 6.66
N ASP B 123 -4.83 -29.34 5.92
CA ASP B 123 -5.28 -30.68 6.37
C ASP B 123 -4.12 -31.69 6.61
N TYR B 124 -4.00 -32.19 7.85
CA TYR B 124 -2.92 -33.09 8.31
C TYR B 124 -2.81 -34.40 7.53
N ARG B 125 -3.97 -34.99 7.21
CA ARG B 125 -4.01 -36.32 6.58
C ARG B 125 -3.51 -36.35 5.12
N TYR B 126 -3.35 -35.15 4.55
CA TYR B 126 -2.95 -35.02 3.15
C TYR B 126 -1.45 -34.77 2.95
N VAL B 127 -0.69 -34.79 4.03
CA VAL B 127 0.78 -34.71 3.94
C VAL B 127 1.38 -36.13 3.81
N GLY B 128 2.27 -36.32 2.83
CA GLY B 128 2.93 -37.62 2.59
C GLY B 128 3.56 -37.85 1.22
N GLY B 129 3.59 -39.10 0.79
CA GLY B 129 4.27 -39.50 -0.45
C GLY B 129 5.50 -40.36 -0.18
N SER B 130 6.08 -40.92 -1.24
CA SER B 130 7.40 -41.61 -1.15
C SER B 130 8.10 -41.72 -2.50
N THR B 131 9.39 -42.08 -2.46
CA THR B 131 10.32 -41.84 -3.57
C THR B 131 10.30 -42.87 -4.70
N ASP B 132 9.18 -43.55 -4.89
CA ASP B 132 8.95 -44.09 -6.25
C ASP B 132 8.37 -42.97 -7.18
N ASP B 133 7.86 -41.93 -6.51
CA ASP B 133 7.20 -40.79 -7.11
C ASP B 133 8.17 -39.97 -7.91
N HIS B 134 9.36 -39.82 -7.36
CA HIS B 134 10.35 -38.92 -7.91
C HIS B 134 10.70 -39.30 -9.34
N GLN B 135 10.78 -40.61 -9.61
CA GLN B 135 11.17 -41.02 -10.93
C GLN B 135 10.01 -40.78 -11.84
N GLN B 136 8.81 -41.09 -11.34
CA GLN B 136 7.61 -40.87 -12.13
C GLN B 136 7.48 -39.38 -12.48
N VAL B 137 7.69 -38.50 -11.49
CA VAL B 137 7.64 -37.03 -11.71
C VAL B 137 8.76 -36.56 -12.69
N VAL B 138 9.97 -37.06 -12.49
CA VAL B 138 11.06 -36.72 -13.41
C VAL B 138 10.71 -37.18 -14.84
N ARG B 139 10.23 -38.40 -14.96
CA ARG B 139 9.83 -38.94 -16.26
C ARG B 139 8.68 -38.11 -16.88
N SER B 140 7.62 -37.78 -16.14
CA SER B 140 6.53 -36.94 -16.70
C SER B 140 6.98 -35.54 -17.09
N ALA B 141 7.70 -34.93 -16.16
CA ALA B 141 8.25 -33.61 -16.39
C ALA B 141 9.10 -33.60 -17.66
N THR B 142 10.00 -34.58 -17.79
CA THR B 142 10.96 -34.52 -18.92
C THR B 142 10.21 -34.55 -20.22
N ARG B 143 9.17 -35.36 -20.29
CA ARG B 143 8.45 -35.43 -21.51
C ARG B 143 7.73 -34.09 -21.79
N ALA B 144 7.03 -33.55 -20.79
CA ALA B 144 6.26 -32.36 -21.04
C ALA B 144 7.17 -31.15 -21.27
N TYR B 145 8.22 -31.01 -20.47
CA TYR B 145 9.10 -29.87 -20.65
C TYR B 145 9.71 -29.83 -22.07
N GLU B 146 10.17 -31.00 -22.55
CA GLU B 146 10.81 -31.12 -23.87
C GLU B 146 9.88 -30.64 -24.96
N VAL B 147 8.67 -31.19 -24.99
CA VAL B 147 7.77 -30.85 -26.01
C VAL B 147 7.49 -29.33 -25.97
N ALA B 148 7.15 -28.82 -24.77
CA ALA B 148 6.83 -27.38 -24.63
C ALA B 148 8.00 -26.53 -25.21
N PHE B 149 9.23 -26.82 -24.77
CA PHE B 149 10.32 -26.01 -25.20
C PHE B 149 10.60 -26.19 -26.71
N GLU B 150 10.37 -27.39 -27.24
CA GLU B 150 10.55 -27.59 -28.66
C GLU B 150 9.50 -26.78 -29.44
N GLU B 151 8.25 -26.77 -28.97
CA GLU B 151 7.22 -25.95 -29.64
C GLU B 151 7.55 -24.48 -29.43
N TYR B 152 8.07 -24.18 -28.26
CA TYR B 152 8.53 -22.82 -28.00
C TYR B 152 9.58 -22.39 -29.04
N GLN B 153 10.66 -23.15 -29.13
CA GLN B 153 11.70 -22.92 -30.14
C GLN B 153 11.14 -22.88 -31.57
N ARG B 154 10.17 -23.75 -31.87
CA ARG B 154 9.61 -23.79 -33.23
C ARG B 154 8.91 -22.48 -33.62
N LEU B 155 8.14 -21.92 -32.68
CA LEU B 155 7.39 -20.67 -32.96
C LEU B 155 8.35 -19.47 -33.04
N LEU B 156 9.32 -19.38 -32.12
CA LEU B 156 10.35 -18.37 -32.22
C LEU B 156 11.05 -18.41 -33.62
N ASP B 157 11.38 -19.63 -34.10
CA ASP B 157 12.02 -19.83 -35.41
C ASP B 157 11.13 -19.34 -36.56
N SER B 158 9.83 -19.56 -36.50
CA SER B 158 8.92 -18.92 -37.48
C SER B 158 8.72 -17.41 -37.26
N GLY B 159 9.40 -16.83 -36.28
CA GLY B 159 9.21 -15.40 -36.07
C GLY B 159 7.90 -15.05 -35.35
N ILE B 160 7.37 -15.96 -34.53
CA ILE B 160 6.21 -15.61 -33.71
C ILE B 160 6.69 -14.78 -32.53
N ALA B 161 5.97 -13.70 -32.21
CA ALA B 161 6.31 -12.83 -31.07
C ALA B 161 6.67 -13.64 -29.81
N ARG B 162 7.76 -13.31 -29.14
CA ARG B 162 8.14 -14.04 -27.93
C ARG B 162 6.97 -14.10 -26.90
N GLU B 163 6.15 -13.05 -26.82
CA GLU B 163 5.09 -13.00 -25.84
C GLU B 163 3.97 -13.98 -26.20
N ILE B 164 3.95 -14.47 -27.45
CA ILE B 164 2.98 -15.46 -27.83
C ILE B 164 3.62 -16.79 -27.70
N ALA B 165 4.86 -16.91 -28.10
CA ALA B 165 5.49 -18.26 -28.15
C ALA B 165 5.52 -18.85 -26.77
N ARG B 166 5.74 -18.01 -25.77
CA ARG B 166 5.86 -18.51 -24.41
C ARG B 166 4.58 -19.09 -23.86
N LEU B 167 3.44 -18.98 -24.60
CA LEU B 167 2.23 -19.52 -24.02
C LEU B 167 2.38 -21.01 -23.77
N VAL B 168 3.22 -21.68 -24.57
CA VAL B 168 3.43 -23.11 -24.34
C VAL B 168 4.33 -23.47 -23.13
N LEU B 169 5.07 -22.55 -22.54
CA LEU B 169 5.98 -22.92 -21.42
C LEU B 169 5.30 -23.19 -20.04
N PRO B 170 5.81 -24.19 -19.28
CA PRO B 170 5.21 -24.66 -18.03
C PRO B 170 5.40 -23.62 -16.95
N VAL B 171 4.61 -23.71 -15.85
CA VAL B 171 4.80 -22.78 -14.71
C VAL B 171 6.01 -23.19 -13.87
N SER B 172 6.70 -24.25 -14.34
CA SER B 172 7.87 -24.71 -13.65
C SER B 172 9.13 -24.07 -14.31
N THR B 173 8.96 -23.32 -15.38
CA THR B 173 10.08 -22.59 -15.94
C THR B 173 10.76 -21.62 -14.94
N TYR B 174 12.09 -21.57 -14.91
CA TYR B 174 12.79 -20.68 -14.03
C TYR B 174 12.67 -19.20 -14.42
N SER B 175 12.45 -18.36 -13.45
CA SER B 175 12.51 -16.95 -13.67
C SER B 175 13.55 -16.34 -12.67
N VAL B 176 13.94 -15.08 -12.85
CA VAL B 176 14.90 -14.38 -11.95
C VAL B 176 14.29 -13.01 -11.68
N LEU B 177 14.34 -12.60 -10.42
CA LEU B 177 13.86 -11.29 -10.05
C LEU B 177 14.58 -10.62 -8.90
N TYR B 178 14.36 -9.32 -8.82
CA TYR B 178 14.71 -8.52 -7.63
C TYR B 178 13.49 -8.27 -6.80
N ALA B 179 13.65 -8.38 -5.49
CA ALA B 179 12.57 -8.30 -4.56
C ALA B 179 13.08 -7.50 -3.38
N THR B 180 12.47 -6.35 -3.12
CA THR B 180 12.87 -5.49 -2.05
C THR B 180 11.72 -5.29 -1.04
N CYS B 181 12.02 -5.37 0.24
CA CYS B 181 11.02 -5.18 1.29
C CYS B 181 11.70 -4.43 2.45
N ASN B 182 10.91 -3.94 3.38
CA ASN B 182 11.46 -3.59 4.65
C ASN B 182 11.27 -4.80 5.62
N ALA B 183 11.77 -4.69 6.86
CA ALA B 183 11.74 -5.78 7.87
C ALA B 183 10.36 -6.22 8.30
N ARG B 184 9.45 -5.28 8.44
CA ARG B 184 8.09 -5.59 8.77
C ARG B 184 7.38 -6.38 7.65
N ALA B 185 7.57 -5.97 6.40
CA ALA B 185 6.99 -6.69 5.27
C ALA B 185 7.65 -8.08 5.26
N LEU B 186 8.96 -8.14 5.49
CA LEU B 186 9.63 -9.47 5.55
C LEU B 186 9.09 -10.35 6.68
N MET B 187 8.73 -9.79 7.83
CA MET B 187 8.23 -10.61 8.95
C MET B 187 6.81 -11.09 8.66
N HIS B 188 5.98 -10.22 8.07
CA HIS B 188 4.66 -10.64 7.62
C HIS B 188 4.77 -11.84 6.57
N PHE B 189 5.63 -11.69 5.60
CA PHE B 189 5.91 -12.71 4.63
C PHE B 189 6.36 -14.00 5.30
N LEU B 190 7.30 -13.96 6.24
CA LEU B 190 7.80 -15.19 6.94
C LEU B 190 6.71 -15.84 7.73
N SER B 191 5.84 -15.05 8.34
CA SER B 191 4.72 -15.62 9.06
C SER B 191 3.81 -16.52 8.21
N LEU B 192 3.62 -16.16 6.93
CA LEU B 192 2.76 -16.90 6.03
C LEU B 192 3.56 -17.90 5.20
N ARG B 193 4.84 -17.65 4.96
CA ARG B 193 5.53 -18.47 4.00
C ARG B 193 6.50 -19.43 4.63
N THR B 194 6.47 -19.54 5.96
CA THR B 194 7.19 -20.65 6.61
C THR B 194 6.18 -21.49 7.37
N HIS B 195 6.41 -22.81 7.38
CA HIS B 195 5.63 -23.75 8.19
C HIS B 195 6.32 -23.95 9.55
N ARG B 196 5.73 -23.43 10.62
CA ARG B 196 6.35 -23.45 11.94
C ARG B 196 5.27 -23.78 12.95
N PRO B 197 5.17 -25.08 13.31
CA PRO B 197 4.12 -25.60 14.22
C PRO B 197 4.23 -24.93 15.60
N ASP B 198 5.42 -24.42 15.94
CA ASP B 198 5.62 -23.46 17.04
C ASP B 198 4.78 -22.15 16.94
N ALA B 199 4.41 -21.70 15.75
CA ALA B 199 3.98 -20.30 15.61
C ALA B 199 2.59 -20.06 16.19
N ALA B 200 2.27 -18.80 16.53
CA ALA B 200 0.95 -18.49 16.98
C ALA B 200 -0.08 -18.86 15.91
N TYR B 201 0.20 -18.57 14.63
CA TYR B 201 -0.71 -18.98 13.56
C TYR B 201 0.05 -19.81 12.56
N VAL B 202 -0.25 -21.08 12.48
CA VAL B 202 0.57 -21.93 11.66
C VAL B 202 0.10 -21.82 10.19
N SER B 203 1.04 -21.62 9.30
CA SER B 203 0.73 -21.47 7.89
C SER B 203 1.11 -22.69 7.13
N HIS B 204 0.47 -22.93 5.98
CA HIS B 204 0.82 -24.09 5.11
C HIS B 204 1.26 -23.77 3.68
N PRO B 205 2.41 -23.12 3.51
CA PRO B 205 2.83 -22.75 2.15
C PRO B 205 3.41 -23.93 1.44
N GLN B 206 3.40 -23.87 0.11
CA GLN B 206 4.12 -24.86 -0.67
C GLN B 206 5.64 -24.82 -0.30
N ARG B 207 6.32 -25.95 -0.41
CA ARG B 207 7.66 -26.05 0.12
C ARG B 207 8.64 -25.12 -0.65
N GLU B 208 8.41 -25.01 -1.95
CA GLU B 208 9.26 -24.18 -2.79
C GLU B 208 9.28 -22.71 -2.38
N ILE B 209 8.14 -22.08 -2.06
CA ILE B 209 8.24 -20.71 -1.54
C ILE B 209 8.84 -20.66 -0.12
N GLU B 210 8.64 -21.73 0.65
CA GLU B 210 9.24 -21.84 1.97
C GLU B 210 10.79 -21.88 1.87
N MET B 211 11.29 -22.57 0.85
CA MET B 211 12.72 -22.55 0.52
C MET B 211 13.24 -21.11 0.31
N VAL B 212 12.49 -20.30 -0.46
CA VAL B 212 12.81 -18.88 -0.62
C VAL B 212 12.80 -18.16 0.77
N ALA B 213 11.75 -18.41 1.53
CA ALA B 213 11.53 -17.66 2.74
C ALA B 213 12.63 -17.93 3.74
N GLU B 214 13.08 -19.17 3.84
CA GLU B 214 14.18 -19.55 4.80
C GLU B 214 15.52 -18.88 4.46
N GLN B 215 15.88 -18.82 3.17
CA GLN B 215 17.10 -18.17 2.76
C GLN B 215 17.06 -16.70 3.06
N MET B 216 15.91 -16.10 2.82
CA MET B 216 15.74 -14.70 3.16
C MET B 216 15.87 -14.48 4.67
N GLU B 217 15.22 -15.32 5.44
CA GLU B 217 15.30 -15.26 6.89
C GLU B 217 16.74 -15.42 7.40
N THR B 218 17.55 -16.27 6.77
CA THR B 218 18.98 -16.42 7.20
C THR B 218 19.77 -15.14 6.94
N ALA B 219 19.57 -14.54 5.76
CA ALA B 219 20.26 -13.27 5.47
C ALA B 219 19.78 -12.18 6.41
N TRP B 220 18.50 -12.18 6.71
CA TRP B 220 17.96 -11.12 7.55
C TRP B 220 18.45 -11.27 9.02
N ALA B 221 18.50 -12.54 9.51
CA ALA B 221 19.00 -12.81 10.87
C ALA B 221 20.37 -12.15 11.15
N LYS B 222 21.23 -12.13 10.16
CA LYS B 222 22.56 -11.50 10.27
C LYS B 222 22.52 -9.99 10.34
N LEU B 223 21.57 -9.37 9.68
CA LEU B 223 21.47 -7.94 9.73
C LEU B 223 20.75 -7.48 10.96
N MET B 224 19.72 -8.22 11.39
CA MET B 224 18.92 -7.75 12.48
C MET B 224 18.72 -8.93 13.42
N PRO B 225 19.80 -9.34 14.08
CA PRO B 225 19.81 -10.49 14.98
C PRO B 225 18.81 -10.34 16.07
N VAL B 226 18.67 -9.13 16.65
CA VAL B 226 17.80 -8.97 17.82
C VAL B 226 16.33 -8.97 17.40
N THR B 227 16.03 -8.29 16.29
CA THR B 227 14.67 -8.37 15.75
C THR B 227 14.30 -9.83 15.41
N HIS B 228 15.20 -10.55 14.74
CA HIS B 228 14.91 -11.89 14.28
C HIS B 228 14.53 -12.83 15.43
N GLU B 229 15.35 -12.84 16.49
CA GLU B 229 15.04 -13.62 17.68
C GLU B 229 13.75 -13.15 18.27
N ALA B 230 13.57 -11.86 18.46
CA ALA B 230 12.28 -11.43 19.02
C ALA B 230 11.07 -11.85 18.14
N PHE B 231 11.24 -11.83 16.82
CA PHE B 231 10.12 -12.22 15.97
C PHE B 231 9.72 -13.66 16.28
N THR B 232 10.73 -14.56 16.36
CA THR B 232 10.48 -15.96 16.73
C THR B 232 9.92 -16.08 18.18
N ALA B 233 10.51 -15.33 19.08
CA ALA B 233 10.09 -15.35 20.48
C ALA B 233 8.63 -15.11 20.67
N PHE B 234 8.07 -14.12 19.93
CA PHE B 234 6.64 -13.78 20.13
C PHE B 234 5.60 -14.55 19.28
N GLY B 235 6.05 -15.67 18.69
CA GLY B 235 5.21 -16.57 17.91
C GLY B 235 5.16 -16.32 16.41
N ARG B 236 6.19 -15.65 15.87
CA ARG B 236 6.30 -15.39 14.42
C ARG B 236 5.09 -14.67 13.93
N VAL B 237 4.62 -13.69 14.72
CA VAL B 237 3.57 -12.78 14.34
C VAL B 237 4.22 -11.46 14.01
N SER B 238 3.89 -10.94 12.83
CA SER B 238 4.44 -9.66 12.39
C SER B 238 3.88 -8.53 13.26
N PRO B 239 4.76 -7.65 13.79
CA PRO B 239 4.21 -6.46 14.47
C PRO B 239 3.41 -5.57 13.48
N ILE C 6 8.89 29.52 26.55
CA ILE C 6 8.56 29.33 25.08
C ILE C 6 9.52 29.94 24.03
N GLU C 7 9.66 29.25 22.91
CA GLU C 7 10.65 29.58 21.92
C GLU C 7 9.98 29.60 20.53
N LEU C 8 10.03 30.73 19.81
CA LEU C 8 9.49 30.83 18.46
C LEU C 8 10.55 30.58 17.42
N ARG C 9 10.27 29.72 16.45
CA ARG C 9 11.25 29.41 15.42
C ARG C 9 10.59 29.47 14.07
N SER C 10 11.44 29.56 13.05
CA SER C 10 10.99 29.62 11.70
C SER C 10 11.78 28.62 10.85
N ASP C 11 12.68 27.87 11.45
CA ASP C 11 13.38 26.83 10.71
C ASP C 11 12.53 25.56 10.58
N ILE C 12 12.57 24.95 9.42
CA ILE C 12 11.99 23.69 9.23
C ILE C 12 13.14 22.84 8.72
N THR C 13 13.55 21.85 9.51
CA THR C 13 14.71 21.13 9.13
C THR C 13 14.45 19.66 8.75
N VAL C 14 15.34 19.14 7.90
CA VAL C 14 15.31 17.81 7.41
C VAL C 14 16.72 17.37 7.41
N GLU C 15 16.97 16.16 7.88
CA GLU C 15 18.33 15.65 7.86
C GLU C 15 18.23 14.22 7.29
N LEU C 16 19.07 13.87 6.37
CA LEU C 16 19.21 12.45 5.98
C LEU C 16 20.00 11.60 6.98
N VAL C 17 19.36 10.59 7.58
CA VAL C 17 20.01 9.85 8.65
C VAL C 17 20.49 8.48 8.21
N ASP C 18 19.90 7.99 7.12
CA ASP C 18 20.32 6.75 6.50
C ASP C 18 19.68 6.55 5.11
N SER C 19 20.30 5.70 4.30
CA SER C 19 19.82 5.48 2.95
C SER C 19 20.60 4.37 2.40
N SER C 20 19.99 3.69 1.45
CA SER C 20 20.66 2.82 0.53
C SER C 20 20.03 3.12 -0.83
N ALA C 21 20.65 3.95 -1.65
CA ALA C 21 20.00 4.41 -2.86
C ALA C 21 21.09 4.85 -3.71
N SER C 22 21.05 4.46 -4.97
CA SER C 22 21.98 4.96 -5.91
C SER C 22 21.33 4.74 -7.28
N ASP C 23 21.83 5.40 -8.31
CA ASP C 23 21.33 5.10 -9.64
C ASP C 23 21.55 3.65 -10.04
N LEU C 24 22.59 3.03 -9.48
CA LEU C 24 22.93 1.64 -9.80
C LEU C 24 21.78 0.70 -9.49
N ALA C 25 21.08 0.88 -8.36
CA ALA C 25 20.02 -0.08 -8.00
C ALA C 25 18.90 0.00 -9.07
N VAL C 26 18.75 1.19 -9.68
CA VAL C 26 17.79 1.32 -10.76
C VAL C 26 18.15 0.52 -11.99
N VAL C 27 19.35 0.71 -12.51
CA VAL C 27 19.78 0.03 -13.73
C VAL C 27 19.69 -1.50 -13.59
N LYS C 28 20.09 -2.04 -12.45
CA LYS C 28 20.07 -3.47 -12.21
C LYS C 28 18.65 -4.03 -12.22
N ALA C 29 17.76 -3.37 -11.46
CA ALA C 29 16.38 -3.74 -11.41
C ALA C 29 15.83 -3.68 -12.81
N ALA C 30 16.16 -2.68 -13.59
CA ALA C 30 15.57 -2.64 -14.91
C ALA C 30 16.19 -3.67 -15.86
N ARG C 31 17.41 -4.10 -15.53
CA ARG C 31 18.14 -4.90 -16.52
C ARG C 31 17.69 -6.33 -16.45
N VAL C 32 17.46 -6.85 -15.24
CA VAL C 32 16.86 -8.19 -15.11
C VAL C 32 15.80 -8.49 -16.27
N SER C 33 14.86 -7.56 -16.55
CA SER C 33 13.69 -7.79 -17.45
C SER C 33 14.08 -8.21 -18.85
N THR C 34 15.14 -7.58 -19.35
CA THR C 34 15.62 -7.69 -20.72
C THR C 34 16.86 -8.58 -20.86
N ALA C 35 17.66 -8.69 -19.80
CA ALA C 35 18.90 -9.45 -19.89
C ALA C 35 19.06 -10.56 -18.80
N GLY C 36 17.97 -10.89 -18.09
CA GLY C 36 17.94 -11.90 -17.02
C GLY C 36 18.95 -11.86 -15.87
N GLU C 37 19.45 -13.05 -15.50
CA GLU C 37 20.44 -13.27 -14.39
C GLU C 37 21.74 -12.46 -14.52
N ASP C 38 22.16 -12.30 -15.78
CA ASP C 38 23.35 -11.52 -16.23
C ASP C 38 23.34 -9.99 -15.98
N ALA C 39 22.26 -9.48 -15.36
CA ALA C 39 22.08 -8.05 -15.07
C ALA C 39 22.50 -7.64 -13.65
N ASN C 40 22.56 -8.62 -12.73
CA ASN C 40 23.26 -8.44 -11.47
C ASN C 40 24.82 -8.32 -11.63
N ASP C 41 25.35 -8.97 -12.67
CA ASP C 41 26.80 -9.34 -12.76
C ASP C 41 27.62 -8.98 -14.04
N GLU C 42 27.64 -7.72 -14.48
CA GLU C 42 28.64 -7.20 -15.50
C GLU C 42 28.52 -5.75 -16.03
N LEU C 43 28.94 -5.58 -17.32
CA LEU C 43 29.40 -4.31 -17.94
C LEU C 43 28.49 -3.11 -17.68
N TYR C 44 29.08 -2.06 -17.11
CA TYR C 44 28.29 -0.93 -16.64
C TYR C 44 28.89 0.31 -17.24
N ASP C 45 28.05 1.26 -17.68
CA ASP C 45 28.53 2.36 -18.51
C ASP C 45 27.65 3.58 -18.26
N GLY C 46 28.29 4.73 -17.97
CA GLY C 46 27.63 5.95 -17.50
C GLY C 46 26.63 6.36 -18.56
N GLY C 47 26.99 6.21 -19.85
CA GLY C 47 26.16 6.77 -20.96
C GLY C 47 24.91 5.92 -21.08
N SER C 48 25.12 4.61 -21.07
CA SER C 48 24.04 3.67 -21.17
C SER C 48 23.18 3.63 -19.91
N THR C 49 23.77 3.94 -18.77
CA THR C 49 23.06 4.08 -17.53
C THR C 49 22.13 5.30 -17.59
N ARG C 50 22.60 6.40 -18.13
CA ARG C 50 21.77 7.58 -18.23
C ARG C 50 20.70 7.38 -19.29
N GLY C 51 21.01 6.64 -20.34
CA GLY C 51 20.03 6.53 -21.44
C GLY C 51 18.93 5.61 -20.96
N LEU C 52 19.28 4.64 -20.14
CA LEU C 52 18.25 3.71 -19.64
C LEU C 52 17.32 4.40 -18.60
N ILE C 53 17.93 5.18 -17.74
CA ILE C 53 17.16 5.88 -16.68
C ILE C 53 16.22 6.93 -17.26
N ARG C 54 16.65 7.60 -18.33
CA ARG C 54 15.78 8.54 -19.05
C ARG C 54 14.58 7.89 -19.72
N TYR C 55 14.85 6.73 -20.32
CA TYR C 55 13.89 5.92 -20.94
C TYR C 55 12.86 5.39 -19.88
N LEU C 56 13.30 5.00 -18.68
CA LEU C 56 12.36 4.53 -17.70
C LEU C 56 11.52 5.67 -17.22
N MET C 57 12.14 6.82 -17.11
CA MET C 57 11.52 7.96 -16.56
C MET C 57 10.42 8.47 -17.55
N ARG C 58 10.76 8.57 -18.84
CA ARG C 58 9.91 9.13 -19.92
C ARG C 58 8.72 8.22 -20.13
N SER C 59 8.90 6.96 -19.79
CA SER C 59 7.91 5.95 -20.10
C SER C 59 7.12 5.65 -18.84
N ARG C 60 7.49 6.29 -17.72
CA ARG C 60 6.88 5.94 -16.41
C ARG C 60 6.95 4.46 -16.00
N HIS C 61 8.05 3.82 -16.33
N HIS C 61 8.05 3.78 -16.29
CA HIS C 61 8.31 2.53 -15.78
CA HIS C 61 8.23 2.40 -15.79
C HIS C 61 8.81 2.80 -14.38
C HIS C 61 8.80 2.47 -14.38
N GLY C 62 7.90 2.67 -13.43
CA GLY C 62 8.18 3.08 -12.05
C GLY C 62 8.88 2.14 -11.10
N SER C 63 8.70 0.85 -11.30
CA SER C 63 9.06 -0.10 -10.31
C SER C 63 10.57 -0.20 -10.11
N PRO C 64 11.40 -0.01 -11.15
CA PRO C 64 12.85 -0.11 -10.83
C PRO C 64 13.38 0.97 -9.89
N PHE C 65 12.62 2.06 -9.65
CA PHE C 65 13.02 3.10 -8.77
C PHE C 65 12.63 2.85 -7.33
N GLU C 66 12.23 1.64 -6.99
CA GLU C 66 11.68 1.32 -5.65
C GLU C 66 12.64 0.51 -4.79
N HIS C 67 13.67 -0.07 -5.41
CA HIS C 67 14.68 -0.87 -4.73
C HIS C 67 15.75 -0.01 -4.04
N ASN C 68 15.31 0.74 -3.05
CA ASN C 68 16.19 1.66 -2.33
C ASN C 68 15.40 2.19 -1.15
N SER C 69 16.05 2.96 -0.27
CA SER C 69 15.30 3.60 0.80
C SER C 69 16.07 4.79 1.28
N MET C 70 15.40 5.74 1.91
CA MET C 70 16.03 6.93 2.41
C MET C 70 15.32 7.25 3.68
N THR C 71 16.04 7.52 4.78
CA THR C 71 15.37 7.87 6.03
C THR C 71 15.76 9.26 6.43
N PHE C 72 14.75 10.12 6.60
CA PHE C 72 14.93 11.50 6.97
C PHE C 72 14.49 11.70 8.39
N LEU C 73 15.18 12.57 9.11
CA LEU C 73 14.74 12.99 10.43
C LEU C 73 14.19 14.39 10.13
N VAL C 74 12.96 14.70 10.52
CA VAL C 74 12.30 15.94 10.16
C VAL C 74 11.80 16.61 11.45
N ARG C 75 11.95 17.95 11.52
CA ARG C 75 11.42 18.76 12.64
C ARG C 75 10.59 19.83 12.03
N ALA C 76 9.29 19.83 12.30
CA ALA C 76 8.41 20.75 11.60
C ALA C 76 7.18 20.86 12.42
N PRO C 77 6.46 21.99 12.31
CA PRO C 77 5.24 22.16 13.06
C PRO C 77 4.21 21.07 12.65
N ILE C 78 3.29 20.75 13.55
CA ILE C 78 2.26 19.72 13.27
C ILE C 78 1.49 19.95 11.99
N PHE C 79 1.11 21.18 11.65
CA PHE C 79 0.31 21.35 10.42
C PHE C 79 1.05 20.93 9.13
N THR C 80 2.38 21.02 9.12
CA THR C 80 3.19 20.52 8.04
C THR C 80 3.37 19.01 8.09
N VAL C 81 3.50 18.45 9.29
CA VAL C 81 3.57 17.04 9.49
C VAL C 81 2.32 16.37 8.90
N ARG C 82 1.16 16.98 9.13
CA ARG C 82 -0.06 16.42 8.59
C ARG C 82 0.05 16.35 7.07
N HIS C 83 0.78 17.29 6.43
CA HIS C 83 0.81 17.28 4.95
C HIS C 83 1.70 16.11 4.50
N LEU C 84 2.83 15.98 5.13
CA LEU C 84 3.78 14.93 4.83
C LEU C 84 3.20 13.55 5.06
N MET C 85 2.47 13.38 6.14
CA MET C 85 1.88 12.09 6.49
C MET C 85 0.66 11.69 5.68
N ARG C 86 0.23 12.49 4.72
CA ARG C 86 -0.85 12.07 3.84
C ARG C 86 -0.31 11.14 2.77
N HIS C 87 1.01 11.05 2.63
CA HIS C 87 1.65 10.15 1.61
C HIS C 87 1.80 8.76 2.19
N ARG C 88 0.88 7.87 1.82
CA ARG C 88 0.67 6.61 2.50
C ARG C 88 1.69 5.55 2.13
N THR C 89 2.54 5.76 1.13
CA THR C 89 3.56 4.78 0.75
C THR C 89 4.84 4.93 1.56
N TRP C 90 4.86 5.93 2.42
CA TRP C 90 5.99 6.19 3.32
C TRP C 90 5.84 5.44 4.67
N SER C 91 6.91 5.38 5.46
CA SER C 91 6.82 4.89 6.86
C SER C 91 7.22 6.04 7.78
N PHE C 92 6.47 6.22 8.86
CA PHE C 92 6.67 7.33 9.80
C PHE C 92 6.75 6.85 11.22
N ASN C 93 7.59 7.53 12.02
CA ASN C 93 7.51 7.41 13.46
C ASN C 93 7.73 8.75 14.08
N GLU C 94 6.75 9.22 14.84
CA GLU C 94 6.73 10.59 15.34
C GLU C 94 6.69 10.65 16.86
N GLU C 95 7.36 11.64 17.42
CA GLU C 95 7.21 12.00 18.82
C GLU C 95 5.72 12.05 19.26
N SER C 96 5.42 11.46 20.42
CA SER C 96 4.04 11.35 20.87
C SER C 96 3.73 12.33 22.00
N ALA C 97 2.71 13.14 21.86
CA ALA C 97 2.26 13.98 22.96
C ALA C 97 1.45 13.19 24.01
N ARG C 98 0.95 11.99 23.68
CA ARG C 98 0.31 11.15 24.67
C ARG C 98 1.33 10.60 25.68
N TYR C 99 2.58 10.44 25.23
CA TYR C 99 3.62 9.89 26.08
C TYR C 99 4.50 10.94 26.69
N ARG C 100 4.60 12.11 26.06
CA ARG C 100 5.65 13.04 26.38
C ARG C 100 5.11 14.42 26.70
N GLU C 101 5.82 15.16 27.56
CA GLU C 101 5.50 16.54 27.69
C GLU C 101 6.01 17.26 26.47
N VAL C 102 5.14 17.98 25.78
CA VAL C 102 5.58 18.75 24.63
C VAL C 102 6.54 19.90 25.03
N GLY C 103 7.65 20.02 24.28
CA GLY C 103 8.51 21.20 24.31
C GLY C 103 7.79 22.45 23.79
N ALA C 104 8.04 23.58 24.42
CA ALA C 104 7.38 24.79 23.95
C ALA C 104 8.21 25.47 22.86
N ALA C 105 8.38 24.78 21.73
CA ALA C 105 8.88 25.38 20.49
C ALA C 105 7.71 25.47 19.50
N PHE C 106 7.48 26.63 18.89
CA PHE C 106 6.36 26.84 17.98
C PHE C 106 6.88 27.57 16.78
N TYR C 107 6.24 27.40 15.64
CA TYR C 107 6.71 27.89 14.35
C TYR C 107 6.00 29.18 14.12
N VAL C 108 6.77 30.20 13.73
CA VAL C 108 6.17 31.37 13.10
C VAL C 108 6.88 31.58 11.77
N PRO C 109 6.15 31.99 10.74
CA PRO C 109 6.80 32.20 9.43
C PRO C 109 7.86 33.29 9.54
N ASP C 110 9.00 33.15 8.86
CA ASP C 110 9.98 34.27 8.83
C ASP C 110 9.53 35.42 7.94
N ALA C 111 10.23 36.56 7.97
CA ALA C 111 9.73 37.74 7.24
C ALA C 111 9.68 37.57 5.71
N THR C 112 10.62 36.86 5.12
CA THR C 112 10.56 36.74 3.66
C THR C 112 9.39 35.83 3.24
N ARG C 113 9.08 34.85 4.05
CA ARG C 113 8.10 33.90 3.60
C ARG C 113 6.75 34.57 3.48
N LEU C 114 6.48 35.49 4.40
CA LEU C 114 5.16 36.08 4.50
C LEU C 114 4.85 36.95 3.30
N LEU C 115 5.91 37.40 2.62
CA LEU C 115 5.74 38.11 1.37
C LEU C 115 5.09 37.22 0.29
N ARG C 116 5.23 35.90 0.41
CA ARG C 116 4.58 35.02 -0.55
C ARG C 116 3.10 34.66 -0.22
N GLN C 117 2.82 34.00 0.92
CA GLN C 117 1.41 33.54 1.34
C GLN C 117 0.38 33.14 0.24
N GLU C 118 -0.39 32.06 0.42
CA GLU C 118 -1.40 31.73 -0.60
C GLU C 118 -2.86 31.50 -0.21
N GLY C 119 -3.71 32.46 -0.59
CA GLY C 119 -5.18 32.30 -0.82
C GLY C 119 -6.18 31.68 0.16
N LYS C 120 -6.93 30.65 -0.27
CA LYS C 120 -7.03 30.04 -1.69
C LYS C 120 -5.80 29.60 -2.58
N PRO C 121 -5.21 28.41 -2.30
CA PRO C 121 -4.15 27.74 -3.10
C PRO C 121 -4.60 27.31 -4.51
N GLY C 122 -3.84 27.71 -5.53
CA GLY C 122 -4.17 27.34 -6.90
C GLY C 122 -4.64 28.50 -7.76
N ASP C 123 -4.86 29.66 -7.12
CA ASP C 123 -5.15 30.94 -7.78
C ASP C 123 -3.94 31.88 -7.69
N TYR C 124 -3.35 32.20 -8.84
CA TYR C 124 -2.15 33.05 -8.94
C TYR C 124 -2.30 34.41 -8.25
N ARG C 125 -3.44 35.07 -8.48
CA ARG C 125 -3.70 36.42 -7.97
C ARG C 125 -4.03 36.48 -6.45
N TYR C 126 -3.99 35.34 -5.77
CA TYR C 126 -4.22 35.33 -4.31
C TYR C 126 -2.94 35.21 -3.46
N VAL C 127 -1.79 35.23 -4.13
CA VAL C 127 -0.46 35.24 -3.52
C VAL C 127 -0.06 36.70 -3.24
N GLY C 128 0.41 36.98 -2.01
CA GLY C 128 0.82 38.33 -1.59
C GLY C 128 1.31 38.41 -0.13
N GLY C 129 1.44 39.64 0.38
CA GLY C 129 1.92 39.89 1.75
C GLY C 129 2.71 41.19 1.91
N SER C 130 3.09 41.50 3.15
CA SER C 130 4.03 42.61 3.46
C SER C 130 4.64 42.51 4.88
N THR C 131 5.46 43.49 5.23
CA THR C 131 6.45 43.33 6.32
C THR C 131 6.05 43.92 7.70
N ASP C 132 4.91 44.62 7.75
CA ASP C 132 4.19 44.85 9.02
C ASP C 132 3.16 43.74 9.26
N ASP C 133 2.84 43.00 8.19
CA ASP C 133 2.06 41.75 8.28
C ASP C 133 2.85 40.71 9.06
N HIS C 134 4.16 40.62 8.82
CA HIS C 134 5.03 39.77 9.65
C HIS C 134 4.91 40.09 11.15
N GLN C 135 4.75 41.36 11.46
CA GLN C 135 4.73 41.76 12.87
C GLN C 135 3.34 41.54 13.49
N GLN C 136 2.29 41.67 12.69
CA GLN C 136 0.99 41.19 13.10
C GLN C 136 1.10 39.70 13.43
N VAL C 137 1.61 38.90 12.49
CA VAL C 137 1.64 37.46 12.66
C VAL C 137 2.38 37.14 13.93
N VAL C 138 3.55 37.74 14.09
CA VAL C 138 4.38 37.47 15.26
C VAL C 138 3.72 37.85 16.58
N ARG C 139 2.97 38.94 16.56
CA ARG C 139 2.33 39.37 17.78
C ARG C 139 1.10 38.52 18.11
N SER C 140 0.29 38.16 17.13
CA SER C 140 -0.87 37.34 17.42
C SER C 140 -0.41 35.98 17.90
N ALA C 141 0.62 35.44 17.23
CA ALA C 141 1.13 34.11 17.50
C ALA C 141 1.66 34.06 18.89
N THR C 142 2.46 35.05 19.25
CA THR C 142 3.03 35.11 20.59
C THR C 142 1.92 35.09 21.62
N ARG C 143 0.87 35.89 21.41
CA ARG C 143 -0.23 35.92 22.39
C ARG C 143 -0.92 34.56 22.54
N ALA C 144 -1.27 33.95 21.40
CA ALA C 144 -1.94 32.62 21.38
C ALA C 144 -1.07 31.53 21.99
N TYR C 145 0.18 31.44 21.54
CA TYR C 145 1.02 30.33 21.93
C TYR C 145 1.35 30.38 23.42
N GLU C 146 1.62 31.60 23.90
CA GLU C 146 1.94 31.79 25.33
C GLU C 146 0.78 31.31 26.20
N VAL C 147 -0.44 31.69 25.84
CA VAL C 147 -1.57 31.28 26.61
C VAL C 147 -1.80 29.77 26.53
N ALA C 148 -1.70 29.23 25.30
CA ALA C 148 -1.81 27.79 25.08
C ALA C 148 -0.80 27.07 25.95
N PHE C 149 0.46 27.48 25.89
CA PHE C 149 1.44 26.73 26.67
C PHE C 149 1.23 26.90 28.19
N GLU C 150 0.70 28.08 28.59
CA GLU C 150 0.49 28.38 29.99
C GLU C 150 -0.65 27.50 30.48
N GLU C 151 -1.71 27.37 29.67
CA GLU C 151 -2.79 26.48 30.08
C GLU C 151 -2.34 25.03 30.06
N TYR C 152 -1.56 24.68 29.05
CA TYR C 152 -1.01 23.34 29.00
C TYR C 152 -0.35 22.96 30.31
N GLN C 153 0.58 23.80 30.74
CA GLN C 153 1.24 23.56 32.02
C GLN C 153 0.26 23.50 33.24
N ARG C 154 -0.72 24.37 33.31
CA ARG C 154 -1.63 24.36 34.48
C ARG C 154 -2.39 23.06 34.53
N LEU C 155 -2.77 22.57 33.37
CA LEU C 155 -3.42 21.28 33.35
C LEU C 155 -2.48 20.13 33.76
N LEU C 156 -1.24 20.11 33.21
CA LEU C 156 -0.28 19.08 33.64
C LEU C 156 -0.01 19.18 35.14
N ASP C 157 0.17 20.41 35.64
CA ASP C 157 0.35 20.61 37.08
C ASP C 157 -0.83 20.12 37.90
N SER C 158 -2.05 20.24 37.37
CA SER C 158 -3.22 19.61 38.01
C SER C 158 -3.33 18.07 37.90
N GLY C 159 -2.28 17.39 37.48
CA GLY C 159 -2.33 15.96 37.16
C GLY C 159 -3.27 15.51 36.03
N ILE C 160 -3.72 16.42 35.16
CA ILE C 160 -4.43 16.05 33.94
C ILE C 160 -3.44 15.33 33.02
N ALA C 161 -3.90 14.23 32.40
CA ALA C 161 -3.07 13.35 31.54
C ALA C 161 -2.48 14.12 30.35
N ARG C 162 -1.22 13.84 30.05
CA ARG C 162 -0.56 14.36 28.85
C ARG C 162 -1.43 14.35 27.56
N GLU C 163 -2.11 13.24 27.32
CA GLU C 163 -2.93 13.11 26.14
C GLU C 163 -4.08 14.10 26.07
N ILE C 164 -4.55 14.60 27.22
CA ILE C 164 -5.70 15.53 27.30
C ILE C 164 -5.19 16.95 27.35
N ALA C 165 -4.13 17.14 28.13
CA ALA C 165 -3.56 18.46 28.33
C ALA C 165 -3.17 19.09 27.00
N ARG C 166 -2.74 18.24 26.05
CA ARG C 166 -2.28 18.74 24.76
C ARG C 166 -3.41 19.27 23.91
N LEU C 167 -4.67 19.00 24.27
CA LEU C 167 -5.75 19.60 23.48
C LEU C 167 -5.57 21.10 23.28
N VAL C 168 -4.88 21.81 24.16
CA VAL C 168 -4.84 23.26 24.05
C VAL C 168 -3.72 23.74 23.12
N LEU C 169 -2.78 22.88 22.76
CA LEU C 169 -1.61 23.34 22.01
C LEU C 169 -1.95 23.53 20.53
N PRO C 170 -1.34 24.52 19.88
CA PRO C 170 -1.67 24.84 18.50
C PRO C 170 -0.98 23.92 17.48
N VAL C 171 -1.57 23.83 16.29
CA VAL C 171 -0.96 23.04 15.18
C VAL C 171 0.41 23.56 14.74
N SER C 172 0.82 24.70 15.30
CA SER C 172 2.18 25.22 15.04
C SER C 172 3.21 24.66 15.98
N THR C 173 2.80 23.80 16.90
CA THR C 173 3.74 23.14 17.77
C THR C 173 4.69 22.26 16.95
N TYR C 174 5.99 22.37 17.22
CA TYR C 174 6.99 21.58 16.55
C TYR C 174 6.84 20.16 16.96
N SER C 175 7.09 19.27 16.01
CA SER C 175 7.13 17.85 16.28
C SER C 175 8.33 17.30 15.53
N VAL C 176 8.76 16.09 15.85
CA VAL C 176 9.95 15.51 15.26
C VAL C 176 9.57 14.10 14.87
N LEU C 177 10.05 13.64 13.70
CA LEU C 177 9.70 12.29 13.24
C LEU C 177 10.74 11.70 12.35
N TYR C 178 10.76 10.40 12.23
CA TYR C 178 11.52 9.78 11.18
C TYR C 178 10.57 9.47 10.01
N ALA C 179 11.05 9.63 8.75
CA ALA C 179 10.23 9.42 7.54
C ALA C 179 11.05 8.66 6.51
N THR C 180 10.61 7.46 6.13
CA THR C 180 11.35 6.66 5.22
C THR C 180 10.51 6.46 3.95
N CYS C 181 11.14 6.54 2.78
CA CYS C 181 10.45 6.29 1.54
C CYS C 181 11.47 5.63 0.61
N ASN C 182 11.02 5.17 -0.56
CA ASN C 182 11.95 4.85 -1.64
C ASN C 182 11.90 6.02 -2.66
N ALA C 183 12.71 5.94 -3.72
CA ALA C 183 12.84 7.08 -4.63
C ALA C 183 11.57 7.26 -5.47
N ARG C 184 10.91 6.16 -5.85
CA ARG C 184 9.60 6.33 -6.51
C ARG C 184 8.57 7.10 -5.65
N ALA C 185 8.45 6.76 -4.38
CA ALA C 185 7.52 7.51 -3.50
C ALA C 185 8.00 8.95 -3.34
N LEU C 186 9.30 9.13 -3.16
CA LEU C 186 9.83 10.49 -3.09
C LEU C 186 9.55 11.32 -4.33
N MET C 187 9.76 10.75 -5.49
CA MET C 187 9.36 11.50 -6.71
C MET C 187 7.89 11.95 -6.81
N HIS C 188 6.97 11.06 -6.43
CA HIS C 188 5.56 11.37 -6.37
C HIS C 188 5.33 12.51 -5.38
N PHE C 189 5.97 12.41 -4.20
CA PHE C 189 5.81 13.44 -3.17
C PHE C 189 6.36 14.81 -3.70
N LEU C 190 7.54 14.83 -4.33
CA LEU C 190 8.11 16.07 -4.91
C LEU C 190 7.22 16.66 -6.00
N SER C 191 6.62 15.79 -6.80
CA SER C 191 5.68 16.25 -7.83
C SER C 191 4.52 17.06 -7.23
N LEU C 192 4.15 16.74 -6.00
CA LEU C 192 2.98 17.37 -5.43
C LEU C 192 3.36 18.43 -4.44
N ARG C 193 4.53 18.30 -3.81
CA ARG C 193 4.83 19.16 -2.72
C ARG C 193 5.85 20.21 -3.12
N THR C 194 6.20 20.34 -4.41
CA THR C 194 7.03 21.49 -4.85
C THR C 194 6.23 22.27 -5.88
N HIS C 195 6.35 23.59 -5.84
CA HIS C 195 5.71 24.48 -6.81
C HIS C 195 6.68 24.88 -7.91
N ARG C 196 6.49 24.39 -9.10
CA ARG C 196 7.48 24.62 -10.15
C ARG C 196 6.72 24.86 -11.45
N PRO C 197 6.44 26.13 -11.77
CA PRO C 197 5.72 26.62 -12.98
C PRO C 197 6.14 25.92 -14.26
N ASP C 198 7.38 25.45 -14.28
CA ASP C 198 7.95 24.66 -15.34
C ASP C 198 7.58 23.14 -15.41
N ALA C 199 7.03 22.56 -14.35
CA ALA C 199 6.69 21.14 -14.27
C ALA C 199 5.50 20.83 -15.18
N ALA C 200 5.29 19.56 -15.53
CA ALA C 200 4.16 19.20 -16.40
C ALA C 200 2.86 19.46 -15.67
N TYR C 201 2.91 19.36 -14.33
CA TYR C 201 1.76 19.65 -13.47
C TYR C 201 2.18 20.66 -12.39
N VAL C 202 1.57 21.83 -12.40
CA VAL C 202 1.88 22.79 -11.39
C VAL C 202 1.12 22.47 -10.12
N SER C 203 1.86 22.36 -9.06
CA SER C 203 1.22 22.08 -7.83
C SER C 203 1.35 23.30 -6.93
N HIS C 204 0.46 23.43 -5.94
CA HIS C 204 0.43 24.61 -5.05
C HIS C 204 0.46 24.24 -3.59
N PRO C 205 1.50 23.52 -3.18
CA PRO C 205 1.60 23.13 -1.76
C PRO C 205 1.82 24.38 -0.90
N GLN C 206 1.55 24.33 0.38
CA GLN C 206 1.96 25.38 1.27
C GLN C 206 3.48 25.38 1.40
N ARG C 207 4.00 26.58 1.68
CA ARG C 207 5.44 26.84 1.62
C ARG C 207 6.19 25.94 2.57
N GLU C 208 5.68 25.76 3.79
CA GLU C 208 6.36 24.93 4.80
C GLU C 208 6.60 23.45 4.36
N ILE C 209 5.59 22.78 3.78
CA ILE C 209 5.85 21.39 3.38
C ILE C 209 6.82 21.43 2.17
N GLU C 210 6.67 22.43 1.32
CA GLU C 210 7.61 22.62 0.26
C GLU C 210 9.07 22.87 0.76
N MET C 211 9.25 23.58 1.87
CA MET C 211 10.60 23.68 2.47
C MET C 211 11.12 22.27 2.92
N VAL C 212 10.21 21.41 3.36
CA VAL C 212 10.64 20.05 3.69
C VAL C 212 11.07 19.30 2.42
N ALA C 213 10.18 19.30 1.44
CA ALA C 213 10.41 18.74 0.12
C ALA C 213 11.79 19.19 -0.49
N GLU C 214 12.05 20.48 -0.50
CA GLU C 214 13.27 20.99 -1.10
C GLU C 214 14.50 20.40 -0.48
N GLN C 215 14.49 20.20 0.82
CA GLN C 215 15.66 19.68 1.46
C GLN C 215 15.78 18.21 1.17
N MET C 216 14.63 17.52 0.99
CA MET C 216 14.67 16.10 0.75
C MET C 216 15.22 15.87 -0.66
N GLU C 217 14.76 16.73 -1.58
CA GLU C 217 15.18 16.65 -2.98
C GLU C 217 16.69 16.83 -3.07
N THR C 218 17.18 17.82 -2.38
CA THR C 218 18.66 18.06 -2.43
C THR C 218 19.42 16.85 -1.93
N ALA C 219 18.92 16.24 -0.85
CA ALA C 219 19.61 15.12 -0.29
C ALA C 219 19.55 13.90 -1.25
N TRP C 220 18.38 13.71 -1.83
CA TRP C 220 18.16 12.64 -2.76
C TRP C 220 19.05 12.84 -4.03
N ALA C 221 19.11 14.07 -4.52
CA ALA C 221 19.81 14.33 -5.78
C ALA C 221 21.28 13.96 -5.56
N LYS C 222 21.74 14.08 -4.33
CA LYS C 222 23.16 13.74 -4.06
C LYS C 222 23.41 12.30 -4.14
N LEU C 223 22.37 11.52 -3.91
CA LEU C 223 22.49 10.07 -3.90
C LEU C 223 22.29 9.48 -5.30
N MET C 224 21.34 10.07 -6.04
CA MET C 224 20.87 9.52 -7.32
C MET C 224 20.83 10.64 -8.38
N PRO C 225 22.00 11.15 -8.79
CA PRO C 225 21.98 12.37 -9.61
C PRO C 225 21.45 12.08 -10.98
N VAL C 226 21.70 10.92 -11.54
CA VAL C 226 21.16 10.59 -12.88
C VAL C 226 19.62 10.50 -12.89
N THR C 227 19.05 9.77 -11.93
CA THR C 227 17.62 9.77 -11.72
C THR C 227 17.06 11.20 -11.53
N HIS C 228 17.78 12.03 -10.76
CA HIS C 228 17.19 13.32 -10.43
C HIS C 228 17.20 14.22 -11.65
N GLU C 229 18.22 14.10 -12.48
CA GLU C 229 18.31 14.91 -13.69
C GLU C 229 17.19 14.49 -14.63
N ALA C 230 16.96 13.19 -14.79
CA ALA C 230 15.84 12.68 -15.58
C ALA C 230 14.47 13.11 -15.04
N PHE C 231 14.29 13.03 -13.72
CA PHE C 231 13.05 13.45 -13.12
C PHE C 231 12.70 14.88 -13.51
N THR C 232 13.62 15.78 -13.31
CA THR C 232 13.48 17.15 -13.72
C THR C 232 13.38 17.37 -15.25
N ALA C 233 14.19 16.67 -16.03
CA ALA C 233 14.18 16.89 -17.46
C ALA C 233 12.78 16.62 -18.02
N PHE C 234 12.02 15.72 -17.40
CA PHE C 234 10.76 15.23 -18.03
C PHE C 234 9.52 15.85 -17.41
N GLY C 235 9.69 16.95 -16.68
CA GLY C 235 8.54 17.67 -16.14
C GLY C 235 8.13 17.37 -14.73
N ARG C 236 8.98 16.62 -14.03
CA ARG C 236 8.80 16.43 -12.58
C ARG C 236 7.54 15.60 -12.31
N VAL C 237 7.45 14.53 -13.09
CA VAL C 237 6.38 13.58 -13.00
C VAL C 237 6.93 12.23 -12.51
N SER C 238 6.37 11.73 -11.43
CA SER C 238 6.87 10.51 -10.89
C SER C 238 6.73 9.37 -11.91
N PRO C 239 7.72 8.47 -12.00
CA PRO C 239 7.43 7.33 -12.86
C PRO C 239 6.49 6.27 -12.19
N ARG D 5 -16.95 34.12 20.32
CA ARG D 5 -18.09 33.19 20.04
C ARG D 5 -17.65 31.77 19.60
N ILE D 6 -17.04 31.01 20.51
CA ILE D 6 -16.66 29.63 20.21
C ILE D 6 -17.70 28.64 20.68
N GLU D 7 -17.63 27.42 20.19
CA GLU D 7 -18.55 26.39 20.62
C GLU D 7 -17.72 25.23 21.11
N LEU D 8 -18.04 24.74 22.31
CA LEU D 8 -17.43 23.55 22.87
C LEU D 8 -18.33 22.35 22.67
N ARG D 9 -17.81 21.28 22.10
CA ARG D 9 -18.58 20.04 22.05
C ARG D 9 -17.69 18.95 22.57
N SER D 10 -18.30 17.82 22.93
CA SER D 10 -17.50 16.63 23.23
C SER D 10 -18.03 15.34 22.51
N ASP D 11 -18.82 15.54 21.47
CA ASP D 11 -19.34 14.45 20.71
C ASP D 11 -18.41 14.19 19.51
N ILE D 12 -18.01 12.94 19.36
CA ILE D 12 -17.25 12.52 18.17
C ILE D 12 -18.18 11.68 17.31
N THR D 13 -18.47 12.09 16.09
CA THR D 13 -19.53 11.43 15.38
C THR D 13 -19.06 10.67 14.12
N VAL D 14 -19.66 9.50 13.87
CA VAL D 14 -19.35 8.71 12.67
C VAL D 14 -20.67 8.40 12.05
N GLU D 15 -20.84 8.66 10.76
CA GLU D 15 -21.99 8.16 10.02
C GLU D 15 -21.52 7.31 8.87
N LEU D 16 -22.11 6.15 8.70
CA LEU D 16 -21.93 5.39 7.48
C LEU D 16 -22.65 6.03 6.29
N VAL D 17 -21.95 6.58 5.30
CA VAL D 17 -22.64 7.15 4.14
C VAL D 17 -22.78 6.21 2.95
N ASP D 18 -21.98 5.15 2.88
CA ASP D 18 -22.10 4.29 1.73
C ASP D 18 -21.33 3.03 1.99
N SER D 19 -21.75 1.97 1.31
CA SER D 19 -21.09 0.67 1.46
C SER D 19 -21.51 -0.31 0.42
N SER D 20 -20.67 -1.31 0.28
CA SER D 20 -21.00 -2.48 -0.50
C SER D 20 -20.19 -3.54 0.16
N ALA D 21 -20.77 -4.19 1.16
CA ALA D 21 -20.10 -5.02 2.15
C ALA D 21 -21.12 -6.05 2.58
N SER D 22 -20.74 -7.32 2.55
CA SER D 22 -21.62 -8.42 2.96
C SER D 22 -20.79 -9.65 3.29
N ASP D 23 -21.36 -10.56 4.07
CA ASP D 23 -20.72 -11.77 4.40
C ASP D 23 -20.61 -12.66 3.20
N LEU D 24 -21.62 -12.62 2.34
CA LEU D 24 -21.71 -13.49 1.17
C LEU D 24 -20.57 -13.25 0.16
N ALA D 25 -20.23 -11.97 -0.02
CA ALA D 25 -19.05 -11.60 -0.80
C ALA D 25 -17.78 -12.26 -0.30
N VAL D 26 -17.64 -12.39 1.01
CA VAL D 26 -16.47 -13.07 1.60
C VAL D 26 -16.45 -14.54 1.20
N VAL D 27 -17.62 -15.17 1.24
CA VAL D 27 -17.74 -16.61 0.93
C VAL D 27 -17.38 -16.87 -0.53
N LYS D 28 -18.00 -16.15 -1.43
CA LYS D 28 -17.66 -16.21 -2.86
C LYS D 28 -16.20 -16.07 -3.15
N ALA D 29 -15.61 -15.06 -2.55
CA ALA D 29 -14.19 -14.82 -2.69
C ALA D 29 -13.32 -15.91 -2.16
N ALA D 30 -13.71 -16.59 -1.08
CA ALA D 30 -12.95 -17.72 -0.62
C ALA D 30 -13.22 -18.94 -1.46
N ARG D 31 -14.42 -19.06 -2.01
CA ARG D 31 -14.77 -20.30 -2.69
C ARG D 31 -14.16 -20.40 -4.05
N VAL D 32 -13.89 -19.24 -4.67
CA VAL D 32 -13.17 -19.26 -5.94
C VAL D 32 -11.88 -20.09 -5.90
N SER D 33 -11.21 -20.14 -4.74
CA SER D 33 -9.97 -20.88 -4.62
C SER D 33 -10.16 -22.34 -4.79
N THR D 34 -11.20 -22.87 -4.17
CA THR D 34 -11.36 -24.28 -4.11
C THR D 34 -12.41 -24.78 -5.10
N ALA D 35 -13.30 -23.90 -5.56
CA ALA D 35 -14.37 -24.32 -6.47
C ALA D 35 -14.31 -23.70 -7.87
N GLY D 36 -13.42 -22.76 -8.07
CA GLY D 36 -13.29 -22.19 -9.37
C GLY D 36 -14.48 -21.36 -9.75
N GLU D 37 -14.74 -21.27 -11.06
CA GLU D 37 -15.84 -20.48 -11.65
C GLU D 37 -17.19 -20.65 -10.93
N ASP D 38 -17.45 -21.91 -10.56
CA ASP D 38 -18.72 -22.27 -9.95
C ASP D 38 -19.06 -21.45 -8.71
N ALA D 39 -18.03 -21.01 -7.96
CA ALA D 39 -18.22 -20.17 -6.77
C ALA D 39 -19.13 -18.94 -7.06
N ASN D 40 -19.04 -18.37 -8.25
CA ASN D 40 -19.82 -17.18 -8.53
C ASN D 40 -21.34 -17.45 -8.60
N ASP D 41 -21.74 -18.62 -9.08
CA ASP D 41 -23.15 -19.03 -9.11
C ASP D 41 -23.63 -19.96 -7.97
N GLU D 42 -22.78 -20.27 -6.98
CA GLU D 42 -23.19 -21.17 -5.85
C GLU D 42 -24.16 -20.47 -4.90
N LEU D 43 -25.05 -21.26 -4.30
CA LEU D 43 -25.89 -20.82 -3.19
C LEU D 43 -25.20 -21.24 -1.90
N TYR D 44 -25.14 -20.33 -0.91
CA TYR D 44 -24.55 -20.64 0.41
C TYR D 44 -25.51 -20.45 1.58
N ASP D 45 -25.69 -21.50 2.38
CA ASP D 45 -26.57 -21.42 3.54
C ASP D 45 -25.86 -20.89 4.78
N GLY D 46 -26.64 -20.70 5.86
CA GLY D 46 -26.21 -20.04 7.06
C GLY D 46 -25.05 -20.76 7.72
N GLY D 47 -25.11 -22.07 7.73
CA GLY D 47 -24.09 -22.81 8.52
C GLY D 47 -22.82 -22.95 7.72
N SER D 48 -22.95 -23.06 6.41
CA SER D 48 -21.77 -23.15 5.58
C SER D 48 -21.09 -21.78 5.49
N THR D 49 -21.85 -20.70 5.53
CA THR D 49 -21.35 -19.34 5.66
C THR D 49 -20.60 -19.15 6.97
N ARG D 50 -21.20 -19.57 8.07
CA ARG D 50 -20.59 -19.40 9.36
C ARG D 50 -19.32 -20.22 9.48
N GLY D 51 -19.34 -21.45 8.95
CA GLY D 51 -18.23 -22.38 9.14
C GLY D 51 -17.07 -21.83 8.38
N LEU D 52 -17.30 -21.39 7.14
CA LEU D 52 -16.23 -20.89 6.31
C LEU D 52 -15.64 -19.55 6.79
N ILE D 53 -16.49 -18.56 7.13
CA ILE D 53 -15.96 -17.34 7.66
C ILE D 53 -15.18 -17.55 9.00
N ARG D 54 -15.70 -18.41 9.88
CA ARG D 54 -14.94 -18.64 11.14
C ARG D 54 -13.59 -19.30 10.85
N TYR D 55 -13.56 -20.19 9.86
CA TYR D 55 -12.31 -20.84 9.45
C TYR D 55 -11.31 -19.81 8.94
N LEU D 56 -11.73 -18.90 8.07
CA LEU D 56 -10.78 -17.93 7.54
C LEU D 56 -10.27 -17.00 8.65
N MET D 57 -11.15 -16.67 9.60
CA MET D 57 -10.84 -15.66 10.57
C MET D 57 -9.77 -16.27 11.43
N ARG D 58 -9.99 -17.49 11.87
CA ARG D 58 -9.08 -18.10 12.84
C ARG D 58 -7.75 -18.50 12.21
N SER D 59 -7.76 -18.79 10.90
CA SER D 59 -6.53 -19.09 10.10
C SER D 59 -5.80 -17.87 9.57
N ARG D 60 -6.33 -16.68 9.85
CA ARG D 60 -5.77 -15.46 9.30
C ARG D 60 -5.64 -15.43 7.74
N HIS D 61 -6.65 -16.01 7.07
N HIS D 61 -6.65 -15.97 7.05
CA HIS D 61 -6.79 -15.91 5.62
CA HIS D 61 -6.72 -15.89 5.59
C HIS D 61 -7.58 -14.62 5.36
C HIS D 61 -7.56 -14.65 5.24
N GLY D 62 -6.87 -13.53 5.06
CA GLY D 62 -7.53 -12.22 5.05
C GLY D 62 -7.97 -11.66 3.71
N SER D 63 -7.42 -12.20 2.62
CA SER D 63 -7.71 -11.62 1.33
C SER D 63 -9.23 -11.69 1.01
N PRO D 64 -9.93 -12.77 1.40
CA PRO D 64 -11.36 -12.76 1.00
C PRO D 64 -12.14 -11.64 1.67
N PHE D 65 -11.59 -11.03 2.70
CA PHE D 65 -12.35 -9.97 3.40
C PHE D 65 -12.17 -8.57 2.78
N GLU D 66 -11.44 -8.49 1.66
CA GLU D 66 -11.12 -7.21 0.98
C GLU D 66 -12.04 -6.78 -0.15
N HIS D 67 -13.03 -7.58 -0.51
CA HIS D 67 -13.82 -7.27 -1.68
C HIS D 67 -15.06 -6.57 -1.22
N ASN D 68 -14.85 -5.37 -0.67
CA ASN D 68 -15.94 -4.54 -0.19
C ASN D 68 -15.40 -3.20 0.10
N SER D 69 -16.27 -2.28 0.50
CA SER D 69 -15.87 -0.97 0.98
C SER D 69 -16.94 -0.41 1.86
N MET D 70 -16.49 0.47 2.74
CA MET D 70 -17.34 1.24 3.64
C MET D 70 -16.81 2.65 3.69
N THR D 71 -17.72 3.62 3.54
CA THR D 71 -17.35 5.00 3.60
C THR D 71 -18.02 5.69 4.79
N PHE D 72 -17.19 6.22 5.70
CA PHE D 72 -17.68 6.96 6.86
C PHE D 72 -17.54 8.48 6.79
N LEU D 73 -18.55 9.20 7.25
CA LEU D 73 -18.40 10.64 7.49
C LEU D 73 -18.07 10.77 8.94
N VAL D 74 -16.90 11.35 9.23
CA VAL D 74 -16.36 11.43 10.57
C VAL D 74 -16.19 12.91 10.99
N ARG D 75 -16.70 13.27 12.17
CA ARG D 75 -16.45 14.62 12.71
C ARG D 75 -15.72 14.43 13.99
N ALA D 76 -14.50 14.95 14.05
CA ALA D 76 -13.66 14.71 15.22
C ALA D 76 -12.59 15.82 15.37
N PRO D 77 -12.03 16.00 16.59
CA PRO D 77 -10.84 16.84 16.75
C PRO D 77 -9.63 16.43 15.92
N ILE D 78 -8.90 17.43 15.39
CA ILE D 78 -7.66 17.17 14.68
C ILE D 78 -6.80 16.09 15.35
N PHE D 79 -6.58 16.20 16.66
CA PHE D 79 -5.66 15.26 17.34
C PHE D 79 -6.09 13.80 17.16
N THR D 80 -7.41 13.58 17.01
CA THR D 80 -8.00 12.25 16.81
C THR D 80 -8.00 11.86 15.31
N VAL D 81 -8.33 12.79 14.43
CA VAL D 81 -8.09 12.62 12.99
C VAL D 81 -6.67 12.16 12.66
N ARG D 82 -5.69 12.62 13.41
CA ARG D 82 -4.32 12.17 13.17
C ARG D 82 -4.11 10.71 13.50
N HIS D 83 -4.79 10.21 14.51
CA HIS D 83 -4.70 8.85 14.87
C HIS D 83 -5.26 8.00 13.74
N LEU D 84 -6.43 8.40 13.28
CA LEU D 84 -7.17 7.70 12.24
C LEU D 84 -6.42 7.74 10.90
N MET D 85 -5.83 8.89 10.56
CA MET D 85 -5.01 9.01 9.32
C MET D 85 -3.69 8.31 9.33
N ARG D 86 -3.28 7.78 10.49
CA ARG D 86 -2.09 6.90 10.48
C ARG D 86 -2.31 5.60 9.69
N HIS D 87 -3.57 5.27 9.37
CA HIS D 87 -3.89 3.93 8.78
C HIS D 87 -3.84 3.97 7.26
N ARG D 88 -2.77 3.46 6.70
CA ARG D 88 -2.39 3.80 5.37
C ARG D 88 -3.15 3.06 4.27
N THR D 89 -3.92 2.02 4.63
CA THR D 89 -4.74 1.36 3.63
C THR D 89 -6.11 1.99 3.42
N TRP D 90 -6.44 2.99 4.24
CA TRP D 90 -7.65 3.75 4.06
C TRP D 90 -7.54 4.87 3.02
N SER D 91 -8.68 5.40 2.58
CA SER D 91 -8.75 6.62 1.81
C SER D 91 -9.44 7.72 2.60
N PHE D 92 -8.88 8.92 2.53
CA PHE D 92 -9.34 10.01 3.33
C PHE D 92 -9.53 11.25 2.47
N ASN D 93 -10.57 12.04 2.75
CA ASN D 93 -10.64 13.39 2.21
C ASN D 93 -11.17 14.29 3.28
N GLU D 94 -10.44 15.36 3.57
CA GLU D 94 -10.69 16.11 4.78
C GLU D 94 -10.89 17.58 4.45
N GLU D 95 -11.78 18.24 5.20
CA GLU D 95 -11.89 19.70 5.16
C GLU D 95 -10.51 20.38 5.32
N SER D 96 -10.21 21.38 4.50
CA SER D 96 -8.95 22.12 4.54
C SER D 96 -9.10 23.45 5.22
N ALA D 97 -8.15 23.68 6.08
CA ALA D 97 -7.99 24.97 6.68
C ALA D 97 -7.18 25.89 5.71
N ARG D 98 -6.51 25.33 4.67
CA ARG D 98 -5.88 26.19 3.65
C ARG D 98 -6.95 26.79 2.76
N TYR D 99 -8.04 26.08 2.60
CA TYR D 99 -9.13 26.56 1.75
C TYR D 99 -10.25 27.30 2.48
N ARG D 100 -10.59 26.88 3.69
CA ARG D 100 -11.84 27.29 4.33
C ARG D 100 -11.54 27.96 5.63
N GLU D 101 -12.31 28.99 5.92
CA GLU D 101 -12.33 29.51 7.24
C GLU D 101 -12.82 28.38 8.12
N VAL D 102 -12.02 28.07 9.15
CA VAL D 102 -12.38 27.08 10.16
C VAL D 102 -13.52 27.58 11.10
N GLY D 103 -14.48 26.68 11.39
CA GLY D 103 -15.54 26.90 12.35
C GLY D 103 -15.01 26.90 13.77
N ALA D 104 -15.68 27.69 14.60
CA ALA D 104 -15.33 27.82 15.98
C ALA D 104 -15.80 26.64 16.86
N ALA D 105 -15.61 25.41 16.40
CA ALA D 105 -16.01 24.28 17.24
C ALA D 105 -14.79 23.54 17.74
N PHE D 106 -14.69 23.37 19.06
CA PHE D 106 -13.55 22.73 19.68
C PHE D 106 -14.01 21.61 20.60
N TYR D 107 -13.21 20.56 20.67
CA TYR D 107 -13.48 19.44 21.51
C TYR D 107 -13.05 19.67 22.99
N VAL D 108 -13.97 19.40 23.91
CA VAL D 108 -13.52 19.10 25.30
C VAL D 108 -14.00 17.70 25.72
N PRO D 109 -13.20 16.98 26.46
CA PRO D 109 -13.73 15.68 26.89
C PRO D 109 -14.88 15.88 27.90
N ASP D 110 -15.88 15.00 27.89
CA ASP D 110 -16.93 15.09 28.88
C ASP D 110 -16.51 14.53 30.24
N ALA D 111 -17.34 14.72 31.27
CA ALA D 111 -17.02 14.24 32.64
C ALA D 111 -16.83 12.72 32.78
N THR D 112 -17.69 11.93 32.14
CA THR D 112 -17.54 10.48 32.20
C THR D 112 -16.16 10.07 31.64
N ARG D 113 -15.77 10.69 30.53
CA ARG D 113 -14.52 10.31 29.91
C ARG D 113 -13.32 10.51 30.82
N LEU D 114 -13.32 11.59 31.58
CA LEU D 114 -12.10 11.98 32.26
C LEU D 114 -11.76 11.04 33.39
N LEU D 115 -12.70 10.15 33.72
CA LEU D 115 -12.46 9.17 34.80
C LEU D 115 -11.49 8.11 34.29
N ARG D 116 -11.30 8.07 32.97
CA ARG D 116 -10.54 7.00 32.32
C ARG D 116 -9.49 7.61 31.39
N GLN D 117 -8.58 8.40 31.98
CA GLN D 117 -7.48 9.09 31.30
C GLN D 117 -6.24 8.19 31.27
N GLU D 118 -5.46 8.25 30.20
CA GLU D 118 -4.32 7.36 30.14
C GLU D 118 -3.04 8.13 30.18
N GLY D 119 -2.43 8.17 31.37
CA GLY D 119 -1.15 8.89 31.59
C GLY D 119 0.07 8.39 30.81
N LYS D 120 0.23 7.06 30.74
CA LYS D 120 1.35 6.40 30.05
C LYS D 120 0.80 5.17 29.28
N PRO D 121 0.11 5.40 28.13
CA PRO D 121 -0.66 4.36 27.43
C PRO D 121 0.03 3.00 27.47
N GLY D 122 -0.69 2.00 27.96
CA GLY D 122 -0.10 0.70 28.17
C GLY D 122 0.20 0.51 29.65
N ASP D 123 0.48 1.61 30.35
CA ASP D 123 0.63 1.51 31.78
C ASP D 123 -0.69 1.82 32.48
N TYR D 124 -1.24 0.77 33.13
CA TYR D 124 -2.54 0.74 33.85
C TYR D 124 -2.53 1.66 35.11
N ARG D 125 -1.33 1.92 35.65
CA ARG D 125 -1.20 2.72 36.88
C ARG D 125 -1.23 4.26 36.65
N TYR D 126 -1.25 4.65 35.37
CA TYR D 126 -1.48 6.05 34.99
C TYR D 126 -2.85 6.15 34.36
N VAL D 127 -3.63 5.08 34.51
CA VAL D 127 -5.04 5.14 34.15
C VAL D 127 -5.83 5.63 35.39
N GLY D 128 -6.77 6.55 35.17
CA GLY D 128 -7.61 7.06 36.24
C GLY D 128 -8.01 8.51 36.10
N GLY D 129 -8.59 9.05 37.16
CA GLY D 129 -9.05 10.44 37.14
C GLY D 129 -10.09 10.80 38.18
N SER D 130 -10.16 12.10 38.47
CA SER D 130 -11.09 12.65 39.44
C SER D 130 -12.34 13.26 38.80
N THR D 131 -13.26 13.66 39.67
CA THR D 131 -14.52 14.30 39.28
C THR D 131 -14.37 15.82 38.96
N ASP D 132 -13.47 16.53 39.67
CA ASP D 132 -13.24 17.99 39.45
C ASP D 132 -12.30 18.32 38.27
N ASP D 133 -11.64 17.29 37.73
CA ASP D 133 -10.80 17.41 36.51
C ASP D 133 -11.61 17.98 35.36
N HIS D 134 -12.86 17.56 35.24
CA HIS D 134 -13.70 18.11 34.20
C HIS D 134 -13.81 19.63 34.25
N GLN D 135 -14.03 20.21 35.42
CA GLN D 135 -14.09 21.67 35.52
C GLN D 135 -12.72 22.36 35.20
N GLN D 136 -11.63 21.83 35.72
CA GLN D 136 -10.30 22.39 35.39
C GLN D 136 -9.92 22.30 33.91
N VAL D 137 -10.26 21.15 33.27
CA VAL D 137 -10.09 21.03 31.84
C VAL D 137 -10.97 22.04 31.13
N VAL D 138 -12.26 22.07 31.43
CA VAL D 138 -13.12 23.07 30.79
C VAL D 138 -12.68 24.53 31.02
N ARG D 139 -12.27 24.88 32.22
CA ARG D 139 -11.89 26.28 32.43
C ARG D 139 -10.59 26.61 31.70
N SER D 140 -9.73 25.61 31.57
CA SER D 140 -8.42 25.79 31.00
C SER D 140 -8.49 25.86 29.45
N ALA D 141 -9.08 24.82 28.86
CA ALA D 141 -9.47 24.76 27.44
C ALA D 141 -10.26 25.96 26.97
N THR D 142 -11.27 26.38 27.72
CA THR D 142 -12.08 27.50 27.21
C THR D 142 -11.22 28.80 27.09
N ARG D 143 -10.35 29.04 28.07
CA ARG D 143 -9.55 30.21 27.98
C ARG D 143 -8.64 30.11 26.74
N ALA D 144 -7.82 29.05 26.64
CA ALA D 144 -6.88 28.89 25.50
C ALA D 144 -7.54 28.94 24.12
N TYR D 145 -8.64 28.20 23.95
CA TYR D 145 -9.40 28.21 22.68
C TYR D 145 -9.94 29.57 22.28
N GLU D 146 -10.44 30.30 23.27
CA GLU D 146 -10.99 31.65 23.02
C GLU D 146 -9.87 32.55 22.49
N VAL D 147 -8.69 32.43 23.06
CA VAL D 147 -7.62 33.31 22.63
C VAL D 147 -7.15 32.91 21.24
N ALA D 148 -7.05 31.61 20.98
CA ALA D 148 -6.68 31.11 19.65
C ALA D 148 -7.72 31.52 18.62
N PHE D 149 -8.99 31.34 18.93
CA PHE D 149 -9.92 31.72 17.93
C PHE D 149 -9.93 33.23 17.69
N GLU D 150 -9.74 34.01 18.75
CA GLU D 150 -9.73 35.48 18.60
C GLU D 150 -8.50 35.90 17.77
N GLU D 151 -7.35 35.32 18.04
CA GLU D 151 -6.16 35.64 17.23
C GLU D 151 -6.31 35.18 15.79
N TYR D 152 -6.86 33.99 15.62
CA TYR D 152 -7.20 33.51 14.27
C TYR D 152 -8.03 34.55 13.50
N GLN D 153 -9.11 35.08 14.08
CA GLN D 153 -9.98 36.02 13.34
C GLN D 153 -9.28 37.34 13.05
N ARG D 154 -8.53 37.83 14.01
CA ARG D 154 -7.71 39.00 13.91
C ARG D 154 -6.79 38.82 12.69
N LEU D 155 -6.03 37.72 12.67
CA LEU D 155 -5.20 37.41 11.47
C LEU D 155 -5.98 37.41 10.19
N LEU D 156 -7.11 36.70 10.14
CA LEU D 156 -7.96 36.81 8.99
C LEU D 156 -8.38 38.26 8.62
N ASP D 157 -8.78 39.08 9.62
CA ASP D 157 -9.13 40.51 9.39
C ASP D 157 -7.99 41.39 8.88
N SER D 158 -6.76 41.05 9.24
CA SER D 158 -5.62 41.77 8.72
C SER D 158 -5.22 41.30 7.31
N GLY D 159 -6.06 40.47 6.66
CA GLY D 159 -5.69 39.91 5.36
C GLY D 159 -4.63 38.78 5.31
N ILE D 160 -4.28 38.20 6.47
CA ILE D 160 -3.37 37.07 6.47
C ILE D 160 -4.06 35.83 5.89
N ALA D 161 -3.37 35.15 4.98
CA ALA D 161 -3.85 33.93 4.36
C ALA D 161 -4.34 32.93 5.42
N ARG D 162 -5.44 32.28 5.08
CA ARG D 162 -6.04 31.23 5.89
C ARG D 162 -5.03 30.14 6.24
N GLU D 163 -4.20 29.74 5.28
CA GLU D 163 -3.15 28.77 5.54
C GLU D 163 -2.20 29.25 6.64
N ILE D 164 -2.06 30.57 6.86
CA ILE D 164 -1.14 31.05 7.88
C ILE D 164 -1.88 31.38 9.14
N ALA D 165 -3.09 31.95 9.02
CA ALA D 165 -3.85 32.34 10.24
C ALA D 165 -4.12 31.14 11.16
N ARG D 166 -4.30 29.96 10.55
CA ARG D 166 -4.70 28.78 11.29
C ARG D 166 -3.58 28.21 12.14
N LEU D 167 -2.35 28.74 12.09
CA LEU D 167 -1.34 28.16 12.95
C LEU D 167 -1.62 28.34 14.42
N VAL D 168 -2.47 29.32 14.78
CA VAL D 168 -2.79 29.58 16.17
C VAL D 168 -3.89 28.63 16.70
N LEU D 169 -4.52 27.87 15.82
CA LEU D 169 -5.57 26.95 16.23
C LEU D 169 -5.05 25.64 16.86
N PRO D 170 -5.79 25.16 17.89
CA PRO D 170 -5.39 24.00 18.70
C PRO D 170 -5.73 22.67 18.03
N VAL D 171 -4.99 21.62 18.39
CA VAL D 171 -5.28 20.25 17.96
C VAL D 171 -6.71 19.72 18.33
N SER D 172 -7.45 20.50 19.14
CA SER D 172 -8.82 20.14 19.53
C SER D 172 -9.87 20.76 18.57
N THR D 173 -9.41 21.50 17.57
CA THR D 173 -10.33 22.07 16.59
C THR D 173 -10.99 20.96 15.81
N TYR D 174 -12.30 21.11 15.56
CA TYR D 174 -13.03 20.03 14.95
C TYR D 174 -12.69 20.05 13.44
N SER D 175 -12.55 18.85 12.87
CA SER D 175 -12.49 18.70 11.42
C SER D 175 -13.56 17.72 10.94
N VAL D 176 -13.86 17.75 9.67
CA VAL D 176 -14.76 16.76 9.14
C VAL D 176 -14.05 15.98 8.00
N LEU D 177 -14.32 14.68 7.84
CA LEU D 177 -13.73 13.97 6.69
C LEU D 177 -14.51 12.77 6.22
N TYR D 178 -14.27 12.31 4.98
CA TYR D 178 -14.72 10.97 4.54
C TYR D 178 -13.58 9.97 4.69
N ALA D 179 -13.88 8.78 5.21
CA ALA D 179 -12.85 7.75 5.46
C ALA D 179 -13.41 6.49 4.91
N THR D 180 -12.68 5.87 3.96
CA THR D 180 -13.12 4.70 3.28
C THR D 180 -12.09 3.61 3.47
N CYS D 181 -12.58 2.40 3.81
CA CYS D 181 -11.76 1.23 4.04
C CYS D 181 -12.51 -0.01 3.49
N ASN D 182 -11.83 -1.16 3.43
CA ASN D 182 -12.53 -2.43 3.31
C ASN D 182 -12.60 -3.15 4.68
N ALA D 183 -13.31 -4.27 4.79
CA ALA D 183 -13.46 -4.88 6.10
C ALA D 183 -12.12 -5.34 6.74
N ARG D 184 -11.21 -5.88 5.95
CA ARG D 184 -9.89 -6.25 6.46
C ARG D 184 -9.12 -5.06 7.07
N ALA D 185 -9.20 -3.91 6.44
CA ALA D 185 -8.49 -2.76 6.93
C ALA D 185 -9.23 -2.29 8.19
N LEU D 186 -10.55 -2.31 8.12
CA LEU D 186 -11.36 -1.98 9.32
C LEU D 186 -11.00 -2.90 10.47
N MET D 187 -10.79 -4.19 10.19
CA MET D 187 -10.48 -5.10 11.28
C MET D 187 -9.12 -4.81 11.97
N HIS D 188 -8.10 -4.59 11.15
CA HIS D 188 -6.80 -4.24 11.66
C HIS D 188 -6.93 -2.92 12.48
N PHE D 189 -7.68 -1.95 11.96
CA PHE D 189 -7.95 -0.75 12.68
C PHE D 189 -8.58 -1.02 14.06
N LEU D 190 -9.64 -1.84 14.10
CA LEU D 190 -10.32 -2.20 15.37
C LEU D 190 -9.41 -2.94 16.33
N SER D 191 -8.49 -3.79 15.84
CA SER D 191 -7.59 -4.44 16.78
C SER D 191 -6.67 -3.44 17.47
N LEU D 192 -6.39 -2.32 16.80
CA LEU D 192 -5.48 -1.34 17.36
C LEU D 192 -6.21 -0.19 18.08
N ARG D 193 -7.43 0.15 17.67
CA ARG D 193 -8.04 1.38 18.15
C ARG D 193 -9.21 1.11 19.08
N THR D 194 -9.35 -0.16 19.50
CA THR D 194 -10.25 -0.42 20.61
C THR D 194 -9.46 -1.13 21.71
N HIS D 195 -9.78 -0.77 22.96
CA HIS D 195 -9.23 -1.39 24.18
C HIS D 195 -10.14 -2.55 24.59
N ARG D 196 -9.67 -3.77 24.46
CA ARG D 196 -10.50 -4.90 24.87
C ARG D 196 -9.62 -5.91 25.63
N PRO D 197 -9.76 -5.98 26.96
CA PRO D 197 -9.06 -7.02 27.82
C PRO D 197 -9.28 -8.51 27.41
N ASP D 198 -10.45 -8.81 26.84
CA ASP D 198 -10.72 -10.09 26.19
C ASP D 198 -9.78 -10.39 24.97
N ALA D 199 -9.38 -9.33 24.24
CA ALA D 199 -8.67 -9.44 22.97
C ALA D 199 -7.35 -10.21 23.10
N ALA D 200 -6.83 -10.78 21.99
CA ALA D 200 -5.51 -11.45 22.04
C ALA D 200 -4.31 -10.47 22.21
N TYR D 201 -4.49 -9.22 21.77
CA TYR D 201 -3.51 -8.14 21.89
C TYR D 201 -4.21 -6.91 22.38
N VAL D 202 -4.04 -6.59 23.66
CA VAL D 202 -4.72 -5.46 24.22
C VAL D 202 -3.93 -4.23 23.77
N SER D 203 -4.68 -3.28 23.22
CA SER D 203 -4.13 -2.07 22.70
C SER D 203 -4.62 -0.96 23.62
N HIS D 204 -3.92 0.19 23.59
CA HIS D 204 -4.24 1.31 24.55
C HIS D 204 -4.41 2.64 23.84
N PRO D 205 -5.45 2.73 23.04
CA PRO D 205 -5.67 3.88 22.19
C PRO D 205 -6.32 5.00 23.01
N GLN D 206 -6.05 6.25 22.67
CA GLN D 206 -6.76 7.35 23.25
C GLN D 206 -8.27 7.03 23.14
N ARG D 207 -9.00 7.23 24.23
CA ARG D 207 -10.45 7.05 24.20
C ARG D 207 -11.16 7.79 23.02
N GLU D 208 -10.67 8.95 22.62
CA GLU D 208 -11.35 9.67 21.51
C GLU D 208 -11.35 8.88 20.19
N ILE D 209 -10.22 8.30 19.85
CA ILE D 209 -10.17 7.49 18.61
C ILE D 209 -11.01 6.18 18.78
N GLU D 210 -11.00 5.62 19.99
CA GLU D 210 -11.80 4.48 20.30
C GLU D 210 -13.29 4.75 20.12
N MET D 211 -13.75 5.96 20.38
CA MET D 211 -15.15 6.27 20.21
C MET D 211 -15.48 6.25 18.72
N VAL D 212 -14.52 6.70 17.89
CA VAL D 212 -14.65 6.62 16.46
C VAL D 212 -14.73 5.16 16.10
N ALA D 213 -13.79 4.37 16.58
CA ALA D 213 -13.73 2.96 16.23
C ALA D 213 -15.07 2.23 16.60
N GLU D 214 -15.66 2.52 17.76
CA GLU D 214 -16.84 1.77 18.20
C GLU D 214 -18.01 2.02 17.31
N GLN D 215 -18.12 3.23 16.83
CA GLN D 215 -19.23 3.52 15.98
C GLN D 215 -18.97 2.89 14.59
N MET D 216 -17.71 2.82 14.18
CA MET D 216 -17.51 2.16 12.87
C MET D 216 -17.92 0.68 12.95
N GLU D 217 -17.54 0.07 14.05
CA GLU D 217 -17.76 -1.34 14.36
C GLU D 217 -19.25 -1.69 14.38
N THR D 218 -20.04 -0.82 15.04
CA THR D 218 -21.50 -0.95 15.11
C THR D 218 -22.09 -0.94 13.71
N ALA D 219 -21.71 0.01 12.87
CA ALA D 219 -22.25 0.05 11.50
C ALA D 219 -21.80 -1.18 10.66
N TRP D 220 -20.59 -1.63 10.87
CA TRP D 220 -20.02 -2.73 10.15
C TRP D 220 -20.67 -4.05 10.62
N ALA D 221 -20.90 -4.17 11.94
CA ALA D 221 -21.64 -5.33 12.52
C ALA D 221 -22.99 -5.66 11.80
N LYS D 222 -23.76 -4.64 11.48
CA LYS D 222 -24.96 -4.73 10.71
C LYS D 222 -24.74 -5.22 9.29
N LEU D 223 -23.65 -4.81 8.62
CA LEU D 223 -23.42 -5.25 7.23
C LEU D 223 -22.86 -6.69 7.09
N MET D 224 -22.01 -7.08 8.02
CA MET D 224 -21.26 -8.34 7.96
C MET D 224 -21.29 -8.93 9.39
N PRO D 225 -22.49 -9.23 9.88
CA PRO D 225 -22.60 -9.79 11.25
C PRO D 225 -21.80 -11.06 11.47
N VAL D 226 -21.77 -11.93 10.45
CA VAL D 226 -21.00 -13.18 10.58
C VAL D 226 -19.50 -12.86 10.80
N THR D 227 -18.93 -11.99 9.97
CA THR D 227 -17.49 -11.69 10.06
C THR D 227 -17.23 -11.04 11.41
N HIS D 228 -18.07 -10.06 11.74
CA HIS D 228 -17.94 -9.35 13.01
C HIS D 228 -17.87 -10.32 14.17
N GLU D 229 -18.85 -11.18 14.25
CA GLU D 229 -18.91 -12.10 15.34
C GLU D 229 -17.69 -12.95 15.33
N ALA D 230 -17.25 -13.38 14.14
CA ALA D 230 -16.08 -14.25 14.09
C ALA D 230 -14.82 -13.50 14.53
N PHE D 231 -14.73 -12.23 14.16
CA PHE D 231 -13.55 -11.41 14.48
C PHE D 231 -13.45 -11.37 15.99
N THR D 232 -14.60 -11.24 16.64
CA THR D 232 -14.56 -11.17 18.12
C THR D 232 -14.34 -12.53 18.74
N ALA D 233 -14.97 -13.56 18.24
CA ALA D 233 -14.74 -14.92 18.80
C ALA D 233 -13.29 -15.28 18.82
N PHE D 234 -12.55 -14.87 17.79
CA PHE D 234 -11.14 -15.27 17.76
C PHE D 234 -10.08 -14.30 18.31
N GLY D 235 -10.51 -13.35 19.14
CA GLY D 235 -9.60 -12.49 19.88
C GLY D 235 -9.25 -11.15 19.27
N ARG D 236 -10.06 -10.68 18.34
CA ARG D 236 -9.90 -9.37 17.69
C ARG D 236 -8.57 -9.21 16.95
N VAL D 237 -8.15 -10.29 16.31
CA VAL D 237 -7.01 -10.25 15.49
C VAL D 237 -7.49 -10.21 14.01
N SER D 238 -7.04 -9.18 13.29
CA SER D 238 -7.29 -9.02 11.86
C SER D 238 -6.79 -10.18 11.04
N PRO D 239 -7.65 -10.74 10.17
CA PRO D 239 -7.08 -11.82 9.38
C PRO D 239 -5.97 -11.28 8.44
PA FAD E . 0.53 -0.72 -8.70
O1A FAD E . -0.97 -0.60 -8.35
O2A FAD E . 1.63 -1.47 -7.84
O5B FAD E . 0.92 0.68 -7.81
C5B FAD E . 0.21 1.99 -8.10
C4B FAD E . 1.01 3.29 -7.78
O4B FAD E . 1.05 3.03 -6.38
C3B FAD E . 2.48 3.49 -8.26
O3B FAD E . 2.68 4.22 -9.55
C2B FAD E . 3.08 4.24 -7.09
O2B FAD E . 2.92 5.68 -7.17
C1B FAD E . 2.25 3.71 -5.89
N9A FAD E . 2.90 2.70 -5.05
C8A FAD E . 2.30 1.58 -4.56
N7A FAD E . 3.23 0.95 -3.81
C5A FAD E . 4.39 1.68 -3.82
C6A FAD E . 5.68 1.51 -3.24
N6A FAD E . 6.00 0.43 -2.43
N1A FAD E . 6.59 2.47 -3.48
C2A FAD E . 6.33 3.55 -4.25
N3A FAD E . 5.16 3.76 -4.84
C4A FAD E . 4.18 2.81 -4.64
N1 FAD E . 7.58 -5.61 -14.44
C2 FAD E . 8.70 -6.42 -14.36
O2 FAD E . 8.86 -6.89 -13.28
N3 FAD E . 9.52 -6.67 -15.49
C4 FAD E . 9.18 -6.03 -16.72
O4 FAD E . 9.89 -6.21 -17.73
C4X FAD E . 8.02 -5.22 -16.77
N5 FAD E . 7.63 -4.54 -17.92
C5X FAD E . 6.38 -3.89 -17.97
C6 FAD E . 5.97 -3.45 -19.22
C7 FAD E . 4.72 -2.84 -19.40
C7M FAD E . 4.45 -2.42 -20.86
C8 FAD E . 3.86 -2.64 -18.29
C8M FAD E . 2.49 -1.96 -18.51
C9 FAD E . 4.27 -3.09 -16.99
C9A FAD E . 5.54 -3.72 -16.84
N10 FAD E . 6.03 -4.23 -15.65
C10 FAD E . 7.22 -5.00 -15.63
C1' FAD E . 5.22 -4.29 -14.44
C2' FAD E . 5.43 -2.93 -13.74
O2' FAD E . 6.83 -2.84 -13.35
C3' FAD E . 4.47 -2.82 -12.56
O3' FAD E . 4.71 -3.92 -11.66
C4' FAD E . 2.99 -2.83 -13.03
O4' FAD E . 2.92 -2.33 -14.39
C5' FAD E . 2.16 -1.96 -12.09
O5' FAD E . 3.03 -0.88 -11.66
P FAD E . 2.63 0.17 -10.49
O1P FAD E . 3.43 -0.01 -9.24
O2P FAD E . 2.85 1.47 -11.18
O3P FAD E . 1.08 0.12 -10.09
N1 BRU F . -1.69 -18.55 -3.60
C2 BRU F . -0.52 -18.41 -2.93
N3 BRU F . -0.05 -19.35 -2.04
C4 BRU F . -0.76 -20.46 -1.77
C5 BRU F . -1.99 -20.61 -2.46
C6 BRU F . -2.47 -19.68 -3.37
O2 BRU F . 0.10 -17.39 -3.11
O4 BRU F . -0.32 -21.25 -0.94
BR BRU F . -3.07 -22.08 -1.98
C1' BRU F . -2.05 -17.48 -4.55
C2' BRU F . -1.01 -17.41 -5.67
C3' BRU F . -1.87 -17.36 -6.93
C4' BRU F . -3.14 -18.12 -6.52
O3' BRU F . -2.23 -16.01 -7.36
O4' BRU F . -3.29 -17.94 -5.14
C5' BRU F . -3.21 -19.60 -6.83
O5' BRU F . -2.01 -20.26 -6.57
P BRU F . -1.70 -21.97 -6.64
OP1 BRU F . -2.67 -22.45 -5.54
OP2 BRU F . -2.17 -22.07 -8.02
OP3 BRU F . -0.27 -21.87 -6.27
S SO4 G . -13.90 -26.14 -13.79
O1 SO4 G . -14.51 -26.25 -12.48
O2 SO4 G . -14.35 -27.26 -14.60
O3 SO4 G . -14.31 -24.87 -14.43
O4 SO4 G . -12.45 -26.29 -13.66
N1 BRU H . 5.19 -7.78 -16.55
C2 BRU H . 3.95 -7.24 -16.71
N3 BRU H . 3.58 -6.67 -17.89
C4 BRU H . 4.44 -6.58 -18.91
C5 BRU H . 5.71 -7.10 -18.74
C6 BRU H . 6.12 -7.70 -17.58
O2 BRU H . 3.18 -7.27 -15.78
O4 BRU H . 4.06 -6.06 -19.98
BR BRU H . 6.97 -6.81 -20.16
C1' BRU H . 5.47 -8.39 -15.26
C2' BRU H . 4.63 -9.66 -15.00
C3' BRU H . 5.64 -10.68 -14.41
C4' BRU H . 6.93 -10.25 -15.08
O3' BRU H . 5.76 -10.62 -12.97
O4' BRU H . 6.82 -8.74 -15.25
C5' BRU H . 7.22 -10.95 -16.42
O5' BRU H . 6.13 -10.97 -17.30
P BRU H . 6.14 -11.51 -18.86
OP1 BRU H . 4.71 -11.50 -19.20
OP2 BRU H . 6.87 -12.80 -18.67
OP3 BRU H . 7.00 -10.37 -19.40
PA FAD I . 0.29 -8.45 1.23
O1A FAD I . 1.51 -7.61 1.43
O2A FAD I . -0.76 -8.13 0.07
O5B FAD I . -0.45 -7.33 2.33
C5B FAD I . 0.20 -7.31 3.71
C4B FAD I . -0.64 -6.82 4.89
O4B FAD I . -0.89 -5.51 4.40
C3B FAD I . -2.02 -7.46 5.07
O3B FAD I . -1.99 -8.52 6.03
C2B FAD I . -2.91 -6.28 5.49
O2B FAD I . -2.85 -5.97 6.90
C1B FAD I . -2.24 -5.13 4.70
N9A FAD I . -2.85 -4.70 3.40
C8A FAD I . -2.19 -4.49 2.22
N7A FAD I . -3.09 -4.06 1.32
C5A FAD I . -4.30 -4.02 1.91
C6A FAD I . -5.58 -3.65 1.49
N6A FAD I . -5.82 -3.27 0.21
N1A FAD I . -6.59 -3.68 2.40
C2A FAD I . -6.38 -4.08 3.67
N3A FAD I . -5.21 -4.43 4.12
C4A FAD I . -4.15 -4.40 3.26
N1 FAD I . -4.52 -16.42 -2.47
C2 FAD I . -5.62 -16.72 -3.34
O2 FAD I . -5.95 -15.94 -4.23
N3 FAD I . -6.30 -17.95 -3.16
C4 FAD I . -5.86 -18.85 -2.13
O4 FAD I . -6.43 -19.93 -1.92
C4X FAD I . -4.79 -18.51 -1.29
N5 FAD I . -4.41 -19.40 -0.30
C5X FAD I . -3.23 -19.19 0.43
C6 FAD I . -2.80 -20.25 1.26
C7 FAD I . -1.65 -20.13 2.01
C7M FAD I . -1.28 -21.37 2.87
C8 FAD I . -0.89 -18.90 1.95
C8M FAD I . 0.41 -18.77 2.80
C9 FAD I . -1.31 -17.83 1.11
C9A FAD I . -2.50 -17.98 0.33
N10 FAD I . -3.02 -17.00 -0.60
C10 FAD I . -4.10 -17.32 -1.45
C1' FAD I . -2.42 -15.67 -0.81
C2' FAD I . -3.16 -14.70 0.13
O2' FAD I . -4.53 -14.57 -0.27
C3' FAD I . -2.44 -13.37 0.26
O3' FAD I . -2.73 -12.40 -0.76
C4' FAD I . -0.91 -13.60 0.42
O4' FAD I . -0.75 -14.62 1.46
C5' FAD I . -0.27 -12.30 0.88
O5' FAD I . -0.94 -11.98 2.08
P FAD I . -1.45 -10.54 2.42
O1P FAD I . -2.57 -10.12 1.55
O2P FAD I . -1.84 -10.68 3.97
O3P FAD I . -0.15 -9.60 2.45
PA FAD J . 0.57 8.59 -1.47
O1A FAD J . 2.09 7.97 -1.41
O2A FAD J . -0.70 8.07 -0.60
O5B FAD J . -0.01 7.47 -2.68
C5B FAD J . 0.77 7.33 -3.99
C4B FAD J . 0.07 6.60 -5.10
O4B FAD J . -0.29 5.34 -4.42
C3B FAD J . -1.29 7.26 -5.42
O3B FAD J . -1.25 8.42 -6.31
C2B FAD J . -2.10 6.04 -5.96
O2B FAD J . -1.86 5.61 -7.33
C1B FAD J . -1.57 4.96 -4.99
N9A FAD J . -2.43 4.58 -3.88
C8A FAD J . -2.03 4.44 -2.59
N7A FAD J . -3.11 3.98 -1.87
C5A FAD J . -4.16 3.79 -2.74
C6A FAD J . -5.51 3.35 -2.61
N6A FAD J . -6.08 2.96 -1.45
N1A FAD J . -6.25 3.30 -3.72
C2A FAD J . -5.75 3.67 -4.91
N3A FAD J . -4.51 4.11 -5.08
C4A FAD J . -3.70 4.18 -4.02
N1 FAD J . -6.36 16.07 1.02
C2 FAD J . -7.60 16.24 1.63
O2 FAD J . -7.99 15.41 2.42
N3 FAD J . -8.37 17.36 1.34
C4 FAD J . -7.90 18.34 0.41
O4 FAD J . -8.59 19.32 0.16
C4X FAD J . -6.64 18.15 -0.23
N5 FAD J . -6.13 19.10 -1.15
C5X FAD J . -4.77 19.00 -1.59
C6 FAD J . -4.18 20.06 -2.32
C7 FAD J . -2.85 19.99 -2.75
C7M FAD J . -2.32 21.20 -3.53
C8 FAD J . -2.09 18.82 -2.47
C8M FAD J . -0.60 18.65 -2.93
C9 FAD J . -2.67 17.76 -1.74
C9A FAD J . -4.02 17.85 -1.30
N10 FAD J . -4.62 16.81 -0.50
C10 FAD J . -5.88 17.01 0.10
C1' FAD J . -3.88 15.62 -0.05
C2' FAD J . -4.09 14.52 -1.10
O2' FAD J . -5.51 14.28 -1.29
C3' FAD J . -3.28 13.25 -0.79
O3' FAD J . -3.78 12.57 0.39
C4' FAD J . -1.81 13.58 -0.65
O4' FAD J . -1.55 14.57 -1.65
C5' FAD J . -0.93 12.33 -0.90
O5' FAD J . -1.15 11.97 -2.29
P FAD J . -1.39 10.49 -2.83
O1P FAD J . -2.59 9.75 -2.29
O2P FAD J . -1.55 10.71 -4.42
O3P FAD J . 0.09 9.73 -2.64
N1 BRU K . -0.01 7.92 17.31
C2 BRU K . -1.28 7.37 17.16
N3 BRU K . -1.95 6.84 18.19
C4 BRU K . -1.35 6.78 19.43
C5 BRU K . -0.08 7.30 19.60
C6 BRU K . 0.61 7.88 18.55
O2 BRU K . -1.76 7.36 16.06
O4 BRU K . -1.95 6.32 20.38
BR BRU K . 0.80 7.18 21.28
C1' BRU K . 0.69 8.53 16.13
C2' BRU K . -0.13 9.64 15.55
C3' BRU K . 0.79 10.82 15.37
C4' BRU K . 1.95 10.52 16.32
O3' BRU K . 1.28 10.90 14.03
O4' BRU K . 1.97 9.07 16.54
C5' BRU K . 1.77 11.38 17.61
O5' BRU K . 0.48 11.19 18.26
P BRU K . 0.05 11.89 19.77
OP1 BRU K . -1.37 11.57 19.68
OP2 BRU K . 0.78 13.16 19.40
OP3 BRU K . 0.89 10.85 20.56
N1 BRU L . -4.03 18.53 2.73
C2 BRU L . -2.65 18.51 2.42
N3 BRU L . -2.02 19.50 1.68
C4 BRU L . -2.77 20.54 1.21
C5 BRU L . -4.13 20.57 1.54
C6 BRU L . -4.77 19.59 2.30
O2 BRU L . -2.01 17.54 2.76
O4 BRU L . -2.21 21.43 0.57
BR BRU L . -5.19 21.96 0.85
C1' BRU L . -4.53 17.43 3.59
C2' BRU L . -3.81 17.38 5.01
C3' BRU L . -5.00 17.32 5.99
C4' BRU L . -6.20 17.84 5.20
O3' BRU L . -5.26 16.02 6.38
O4' BRU L . -5.86 17.65 3.80
C5' BRU L . -6.42 19.37 5.35
O5' BRU L . -5.25 20.12 5.78
P BRU L . -5.06 21.82 5.74
OP1 BRU L . -6.08 22.01 6.86
OP2 BRU L . -3.59 21.67 6.06
OP3 BRU L . -5.63 22.16 4.45
PA FAD M . -1.43 0.90 8.55
O1A FAD M . -2.84 0.76 8.03
O2A FAD M . -0.33 1.84 7.75
O5B FAD M . -1.06 -0.36 7.41
C5B FAD M . -1.67 -1.73 7.56
C4B FAD M . -0.66 -2.86 7.29
O4B FAD M . -0.06 -2.55 5.97
C3B FAD M . 0.55 -2.85 8.22
O3B FAD M . 0.30 -3.42 9.53
C2B FAD M . 1.65 -3.57 7.38
O2B FAD M . 1.62 -5.03 7.38
C1B FAD M . 1.29 -3.05 5.97
N9A FAD M . 2.12 -1.95 5.36
C8A FAD M . 1.61 -0.83 4.78
N7A FAD M . 2.62 -0.07 4.30
C5A FAD M . 3.77 -0.71 4.56
C6A FAD M . 5.10 -0.39 4.29
N6A FAD M . 5.42 0.75 3.65
N1A FAD M . 6.02 -1.29 4.67
C2A FAD M . 5.68 -2.41 5.30
N3A FAD M . 4.44 -2.76 5.59
C4A FAD M . 3.46 -1.90 5.22
N1 FAD M . 2.92 6.02 15.91
C2 FAD M . 4.11 6.81 16.13
O2 FAD M . 4.65 7.42 15.20
N3 FAD M . 4.63 6.90 17.46
C4 FAD M . 3.97 6.19 18.54
O4 FAD M . 4.43 6.24 19.70
C4X FAD M . 2.79 5.41 18.29
N5 FAD M . 2.14 4.69 19.32
C5X FAD M . 0.91 4.04 19.10
C6 FAD M . 0.25 3.50 20.21
C7 FAD M . -0.98 2.87 20.05
C7M FAD M . -1.67 2.29 21.30
C8 FAD M . -1.55 2.78 18.75
C8M FAD M . -2.91 2.07 18.60
C9 FAD M . -0.87 3.33 17.63
C9A FAD M . 0.36 3.97 17.80
N10 FAD M . 1.09 4.55 16.72
C10 FAD M . 2.26 5.32 16.98
C1' FAD M . 0.66 4.49 15.32
C2' FAD M . 1.28 3.26 14.65
O2' FAD M . 2.72 3.35 14.68
C3' FAD M . 0.74 3.01 13.21
O3' FAD M . 1.10 4.04 12.27
C4' FAD M . -0.79 2.85 13.19
O4' FAD M . -1.22 2.01 14.26
C5' FAD M . -1.27 2.37 11.82
O5' FAD M . -1.36 0.97 11.62
P FAD M . -0.20 0.16 10.91
O1P FAD M . 1.06 0.91 10.61
O2P FAD M . -0.02 -1.17 11.81
O3P FAD M . -0.75 -0.27 9.53
#